data_9FIR
#
_entry.id   9FIR
#
_cell.length_a   71.94
_cell.length_b   66.78
_cell.length_c   76.31
_cell.angle_alpha   90
_cell.angle_beta   94.6
_cell.angle_gamma   90
#
_symmetry.space_group_name_H-M   'P 1 21 1'
#
loop_
_entity.id
_entity.type
_entity.pdbx_description
1 polymer 'Ubiquitin carboxyl-terminal hydrolase 7'
2 non-polymer 3-[[1-[(2~{S},3~{S})-1-methyl-6-oxidanylidene-2-phenyl-piperidin-3-yl]carbonyl-4-oxidanyl-piperidin-4-yl]methyl]quinazolin-4-one
3 water water
#
_entity_poly.entity_id   1
_entity_poly.type   'polypeptide(L)'
_entity_poly.pdbx_seq_one_letter_code
;GSKKHTGYVGLKNQGATCYMNSLLQTLFFTNQLRKAVYMMPTEGDDSSKSVPLALQRVFYELQHSDKPVGTKKLTKSFGW
ETLDSFMQHDVQELCRVLLDNVENKMKGTCVEGTIPKLFRGKMVSYIQCKEVDYRSDRREDYYDIQLSIKGKKNIFESFV
DYVAVEQLDGDNKYDAGEHGLQEAEKGVKFLTLPPVLHLQLMRFMYDPQTDQNIKINDRFEFPEQLPLDEFLQKTDPKDP
ANYILHAVLVHSGDNHGGHYVVYLNPKGDGKWCKFDDDVVSRCTKEEAIEHNYGGHDDDLSVRHCTNAYMLVYIRESKLS
EVLQAVTDHDIPQQLVERLQEEKRIEAQKRKERQE
;
_entity_poly.pdbx_strand_id   A,B
#
# COMPACT_ATOMS: atom_id res chain seq x y z
N THR A 6 0.03 -4.05 26.90
CA THR A 6 -1.35 -3.83 27.38
C THR A 6 -2.09 -5.14 27.13
N GLY A 7 -3.41 -5.07 27.45
CA GLY A 7 -4.34 -6.16 27.18
C GLY A 7 -4.55 -6.36 25.68
N TYR A 8 -4.21 -5.35 24.88
CA TYR A 8 -4.76 -5.23 23.54
C TYR A 8 -3.78 -5.82 22.53
N VAL A 9 -4.34 -6.56 21.59
CA VAL A 9 -3.59 -7.10 20.49
C VAL A 9 -3.92 -6.31 19.22
N GLY A 10 -3.01 -6.46 18.28
CA GLY A 10 -3.00 -5.67 17.07
C GLY A 10 -3.29 -6.55 15.87
N LEU A 11 -3.41 -5.87 14.73
CA LEU A 11 -3.80 -6.45 13.46
C LEU A 11 -2.54 -6.48 12.58
N LYS A 12 -2.34 -7.57 11.84
CA LYS A 12 -1.25 -7.67 10.88
C LYS A 12 -1.45 -6.67 9.74
N ASN A 13 -0.32 -6.11 9.27
CA ASN A 13 -0.20 -5.47 7.97
C ASN A 13 -0.27 -6.56 6.89
N GLN A 14 -1.24 -6.42 5.99
CA GLN A 14 -1.50 -7.40 4.95
C GLN A 14 -2.14 -6.72 3.72
N GLY A 15 -1.41 -5.81 3.09
CA GLY A 15 -1.87 -5.24 1.82
C GLY A 15 -1.68 -3.71 1.83
N ALA A 16 -2.22 -3.08 0.84
CA ALA A 16 -2.55 -1.67 0.92
C ALA A 16 -3.92 -1.51 1.61
N THR A 17 -4.17 -2.23 2.73
CA THR A 17 -5.47 -2.19 3.41
C THR A 17 -5.68 -0.79 4.00
N CYS A 18 -4.61 -0.07 4.26
CA CYS A 18 -4.65 1.33 4.62
C CYS A 18 -5.36 1.51 5.95
N TYR A 19 -6.46 2.29 5.93
CA TYR A 19 -7.22 2.68 7.09
C TYR A 19 -8.01 1.54 7.70
N MET A 20 -8.03 0.37 7.04
CA MET A 20 -8.87 -0.74 7.47
C MET A 20 -8.50 -1.14 8.88
N ASN A 21 -7.24 -1.46 9.11
CA ASN A 21 -6.77 -1.84 10.43
C ASN A 21 -7.14 -0.84 11.53
N SER A 22 -7.02 0.46 11.24
CA SER A 22 -7.31 1.51 12.21
C SER A 22 -8.81 1.53 12.53
N LEU A 23 -9.65 1.27 11.50
CA LEU A 23 -11.12 1.35 11.55
C LEU A 23 -11.61 0.07 12.22
N LEU A 24 -10.93 -1.03 12.01
CA LEU A 24 -11.32 -2.27 12.70
C LEU A 24 -11.19 -2.09 14.21
N GLN A 25 -10.10 -1.52 14.70
CA GLN A 25 -9.93 -1.34 16.13
C GLN A 25 -11.01 -0.40 16.64
N THR A 26 -11.30 0.68 15.89
CA THR A 26 -12.33 1.66 16.25
C THR A 26 -13.70 0.98 16.45
N LEU A 27 -14.11 0.12 15.54
CA LEU A 27 -15.39 -0.54 15.68
C LEU A 27 -15.27 -1.57 16.84
N PHE A 28 -14.15 -2.27 16.98
CA PHE A 28 -13.98 -3.29 18.00
C PHE A 28 -14.19 -2.69 19.40
N PHE A 29 -13.52 -1.57 19.72
CA PHE A 29 -13.69 -0.95 21.02
C PHE A 29 -14.97 -0.12 21.11
N THR A 30 -15.88 -0.12 20.10
CA THR A 30 -17.27 0.33 20.25
C THR A 30 -18.08 -0.81 20.82
N ASN A 31 -17.79 -1.14 22.11
CA ASN A 31 -18.11 -2.43 22.69
C ASN A 31 -19.56 -2.81 22.43
N GLN A 32 -20.50 -1.82 22.52
CA GLN A 32 -21.91 -2.19 22.42
C GLN A 32 -22.20 -2.79 21.06
N LEU A 33 -21.44 -2.30 20.05
CA LEU A 33 -21.44 -2.86 18.70
C LEU A 33 -20.89 -4.28 18.74
N ARG A 34 -19.74 -4.41 19.41
CA ARG A 34 -19.00 -5.65 19.36
C ARG A 34 -19.90 -6.78 19.85
N LYS A 35 -20.64 -6.53 20.93
CA LYS A 35 -21.43 -7.57 21.54
C LYS A 35 -22.66 -7.84 20.71
N ALA A 36 -23.21 -6.78 20.06
CA ALA A 36 -24.30 -7.07 19.13
C ALA A 36 -23.82 -7.92 17.94
N VAL A 37 -22.66 -7.58 17.36
CA VAL A 37 -22.08 -8.30 16.24
C VAL A 37 -21.97 -9.77 16.60
N TYR A 38 -21.52 -10.06 17.84
CA TYR A 38 -21.44 -11.42 18.35
C TYR A 38 -22.83 -12.10 18.44
N MET A 39 -23.97 -11.35 18.48
CA MET A 39 -25.31 -11.96 18.57
C MET A 39 -25.91 -12.27 17.21
N MET A 40 -25.26 -11.87 16.13
CA MET A 40 -25.78 -12.23 14.81
C MET A 40 -25.78 -13.76 14.63
N PRO A 41 -26.85 -14.32 14.00
CA PRO A 41 -26.90 -15.74 13.70
C PRO A 41 -26.22 -16.12 12.40
N THR A 42 -24.88 -16.20 12.42
CA THR A 42 -24.12 -16.59 11.23
C THR A 42 -23.86 -18.10 11.16
N GLU A 43 -24.63 -18.88 11.87
CA GLU A 43 -24.39 -20.31 12.09
C GLU A 43 -24.38 -21.08 10.78
N GLY A 44 -25.31 -20.73 9.88
CA GLY A 44 -25.47 -21.42 8.61
C GLY A 44 -24.70 -20.80 7.45
N ASP A 45 -23.90 -19.76 7.72
CA ASP A 45 -23.37 -18.91 6.66
C ASP A 45 -22.09 -19.48 6.06
N ASP A 46 -21.80 -19.10 4.82
CA ASP A 46 -20.58 -19.52 4.14
C ASP A 46 -19.42 -18.91 4.90
N SER A 47 -18.35 -19.71 5.06
CA SER A 47 -17.21 -19.30 5.87
C SER A 47 -16.29 -18.37 5.09
N SER A 48 -16.55 -18.15 3.79
CA SER A 48 -15.60 -17.42 2.97
C SER A 48 -16.20 -16.17 2.35
N LYS A 49 -17.54 -16.06 2.28
CA LYS A 49 -18.13 -14.90 1.63
C LYS A 49 -19.24 -14.22 2.44
N SER A 50 -19.20 -14.37 3.77
CA SER A 50 -20.09 -13.63 4.64
C SER A 50 -19.29 -12.56 5.38
N VAL A 51 -19.63 -11.28 5.13
CA VAL A 51 -19.00 -10.24 5.90
C VAL A 51 -19.43 -10.33 7.36
N PRO A 52 -20.73 -10.50 7.70
CA PRO A 52 -21.03 -10.68 9.11
C PRO A 52 -20.14 -11.68 9.88
N LEU A 53 -19.87 -12.84 9.28
CA LEU A 53 -19.05 -13.89 9.91
C LEU A 53 -17.59 -13.47 10.01
N ALA A 54 -17.14 -12.61 9.08
CA ALA A 54 -15.75 -12.15 9.04
C ALA A 54 -15.46 -11.05 10.08
N LEU A 55 -16.51 -10.34 10.47
CA LEU A 55 -16.40 -9.37 11.54
C LEU A 55 -16.39 -10.10 12.84
N GLN A 56 -17.18 -11.18 12.90
CA GLN A 56 -17.19 -11.97 14.12
C GLN A 56 -15.80 -12.54 14.39
N ARG A 57 -15.14 -13.05 13.38
CA ARG A 57 -13.83 -13.66 13.52
C ARG A 57 -12.77 -12.62 13.91
N VAL A 58 -12.74 -11.46 13.25
CA VAL A 58 -11.71 -10.46 13.52
C VAL A 58 -11.94 -9.93 14.93
N PHE A 59 -13.20 -9.63 15.30
CA PHE A 59 -13.53 -9.29 16.69
C PHE A 59 -13.11 -10.36 17.71
N TYR A 60 -13.45 -11.62 17.41
CA TYR A 60 -13.20 -12.75 18.29
C TYR A 60 -11.71 -12.79 18.50
N GLU A 61 -10.97 -12.63 17.40
CA GLU A 61 -9.52 -12.81 17.45
C GLU A 61 -8.89 -11.72 18.31
N LEU A 62 -9.39 -10.50 18.22
CA LEU A 62 -8.78 -9.38 18.91
C LEU A 62 -9.08 -9.50 20.40
N GLN A 63 -10.09 -10.33 20.73
CA GLN A 63 -10.42 -10.62 22.12
C GLN A 63 -9.71 -11.84 22.70
N HIS A 64 -9.09 -12.63 21.84
CA HIS A 64 -8.52 -13.88 22.25
C HIS A 64 -7.07 -14.08 21.77
N SER A 65 -6.59 -13.33 20.76
CA SER A 65 -5.34 -13.66 20.09
C SER A 65 -4.18 -13.06 20.88
N ASP A 66 -3.27 -13.93 21.35
CA ASP A 66 -2.00 -13.53 21.97
C ASP A 66 -1.02 -13.00 20.91
N LYS A 67 -1.32 -13.20 19.63
CA LYS A 67 -0.48 -12.74 18.53
C LYS A 67 -1.27 -11.78 17.65
N PRO A 68 -0.61 -11.06 16.70
CA PRO A 68 -1.30 -10.17 15.79
C PRO A 68 -2.36 -10.92 15.03
N VAL A 69 -3.49 -10.28 14.76
CA VAL A 69 -4.61 -10.93 14.13
C VAL A 69 -4.54 -10.65 12.64
N GLY A 70 -4.95 -11.63 11.82
CA GLY A 70 -4.92 -11.50 10.37
C GLY A 70 -6.29 -11.11 9.83
N THR A 71 -6.33 -10.46 8.65
CA THR A 71 -7.58 -9.91 8.15
C THR A 71 -7.84 -10.32 6.70
N LYS A 72 -6.96 -11.15 6.12
CA LYS A 72 -7.10 -11.64 4.74
C LYS A 72 -8.50 -12.19 4.45
N LYS A 73 -9.11 -12.89 5.41
CA LYS A 73 -10.42 -13.50 5.21
C LYS A 73 -11.54 -12.46 5.13
N LEU A 74 -11.44 -11.44 5.98
CA LEU A 74 -12.37 -10.31 6.02
C LEU A 74 -12.26 -9.57 4.70
N THR A 75 -11.03 -9.17 4.28
CA THR A 75 -10.84 -8.47 3.01
C THR A 75 -11.57 -9.23 1.92
N LYS A 76 -11.28 -10.56 1.87
CA LYS A 76 -11.82 -11.42 0.86
C LYS A 76 -13.33 -11.49 1.02
N SER A 77 -13.89 -11.42 2.22
CA SER A 77 -15.36 -11.43 2.33
C SER A 77 -16.12 -10.25 1.66
N PHE A 78 -15.70 -8.98 1.83
CA PHE A 78 -16.39 -7.88 1.13
C PHE A 78 -15.73 -7.50 -0.23
N GLY A 79 -14.63 -8.23 -0.57
CA GLY A 79 -14.06 -8.22 -1.90
C GLY A 79 -13.59 -6.86 -2.43
N TRP A 80 -12.85 -6.09 -1.60
CA TRP A 80 -12.03 -4.99 -2.13
C TRP A 80 -10.66 -5.53 -2.44
N GLU A 81 -10.41 -6.01 -3.68
CA GLU A 81 -9.23 -6.83 -3.95
C GLU A 81 -8.44 -6.36 -5.18
N THR A 82 -8.75 -5.18 -5.72
CA THR A 82 -7.94 -4.57 -6.78
C THR A 82 -6.83 -3.69 -6.18
N LEU A 83 -5.89 -3.24 -7.02
CA LEU A 83 -4.66 -2.57 -6.59
C LEU A 83 -4.96 -1.18 -6.03
N ASP A 84 -6.07 -0.60 -6.45
CA ASP A 84 -6.47 0.71 -5.95
C ASP A 84 -7.80 0.65 -5.17
N SER A 85 -8.16 -0.52 -4.67
CA SER A 85 -9.40 -0.69 -3.95
C SER A 85 -9.49 0.23 -2.73
N PHE A 86 -8.46 0.18 -1.88
CA PHE A 86 -8.40 1.08 -0.74
C PHE A 86 -8.00 2.51 -1.12
N MET A 87 -7.11 2.70 -2.10
CA MET A 87 -6.68 4.01 -2.52
C MET A 87 -7.92 4.82 -2.99
N GLN A 88 -8.81 4.17 -3.77
CA GLN A 88 -9.92 4.85 -4.43
C GLN A 88 -11.02 5.24 -3.46
N HIS A 89 -11.30 4.40 -2.46
CA HIS A 89 -12.38 4.65 -1.51
C HIS A 89 -11.86 5.53 -0.38
N ASP A 90 -12.77 5.91 0.53
CA ASP A 90 -12.35 6.60 1.74
C ASP A 90 -13.09 6.05 2.98
N VAL A 91 -12.61 6.43 4.20
CA VAL A 91 -12.97 5.76 5.44
C VAL A 91 -14.47 5.55 5.58
N GLN A 92 -15.32 6.59 5.52
CA GLN A 92 -16.75 6.38 5.76
C GLN A 92 -17.19 5.17 4.92
N GLU A 93 -16.69 5.06 3.67
CA GLU A 93 -17.14 4.01 2.77
C GLU A 93 -16.86 2.58 3.24
N LEU A 94 -15.71 2.33 3.81
CA LEU A 94 -15.38 1.02 4.31
C LEU A 94 -16.30 0.63 5.46
N CYS A 95 -16.56 1.55 6.36
CA CYS A 95 -17.43 1.40 7.51
C CYS A 95 -18.89 1.20 7.09
N ARG A 96 -19.38 1.88 6.04
CA ARG A 96 -20.72 1.66 5.58
C ARG A 96 -20.85 0.27 4.99
N VAL A 97 -19.83 -0.20 4.25
CA VAL A 97 -19.86 -1.58 3.80
C VAL A 97 -19.93 -2.56 5.00
N LEU A 98 -19.14 -2.32 6.05
CA LEU A 98 -19.12 -3.18 7.21
C LEU A 98 -20.43 -3.06 8.02
N LEU A 99 -20.88 -1.83 8.33
CA LEU A 99 -22.02 -1.63 9.19
C LEU A 99 -23.34 -2.02 8.53
N ASP A 100 -23.46 -1.80 7.24
CA ASP A 100 -24.69 -2.16 6.51
C ASP A 100 -24.85 -3.71 6.38
N ASN A 101 -23.74 -4.43 6.31
CA ASN A 101 -23.77 -5.86 6.30
C ASN A 101 -24.34 -6.36 7.63
N VAL A 102 -23.68 -5.94 8.71
CA VAL A 102 -24.13 -6.25 10.05
C VAL A 102 -25.58 -5.78 10.28
N GLU A 103 -25.95 -4.54 9.91
CA GLU A 103 -27.26 -3.98 10.23
C GLU A 103 -28.37 -4.89 9.72
N ASN A 104 -28.20 -5.27 8.43
CA ASN A 104 -29.10 -6.20 7.73
C ASN A 104 -29.10 -7.59 8.37
N LYS A 105 -27.92 -8.09 8.78
CA LYS A 105 -27.82 -9.42 9.36
C LYS A 105 -28.47 -9.49 10.75
N MET A 106 -28.66 -8.35 11.43
CA MET A 106 -29.25 -8.37 12.75
C MET A 106 -30.76 -8.29 12.70
N LYS A 107 -31.36 -7.96 11.54
CA LYS A 107 -32.79 -7.72 11.52
C LYS A 107 -33.49 -9.02 11.83
N GLY A 108 -34.44 -8.98 12.78
CA GLY A 108 -35.09 -10.20 13.27
C GLY A 108 -34.31 -10.98 14.36
N THR A 109 -33.30 -10.34 14.99
CA THR A 109 -32.64 -10.79 16.20
C THR A 109 -32.92 -9.87 17.39
N CYS A 110 -32.46 -10.29 18.59
CA CYS A 110 -32.63 -9.56 19.82
C CYS A 110 -31.68 -8.36 19.87
N VAL A 111 -31.00 -8.09 18.76
CA VAL A 111 -30.14 -6.93 18.72
C VAL A 111 -30.34 -6.08 17.45
N GLU A 112 -31.54 -6.19 16.85
CA GLU A 112 -32.00 -5.38 15.72
C GLU A 112 -31.98 -3.92 16.12
N GLY A 113 -31.65 -3.07 15.12
CA GLY A 113 -31.64 -1.63 15.26
C GLY A 113 -30.39 -1.07 15.95
N THR A 114 -29.43 -1.96 16.39
CA THR A 114 -28.24 -1.57 17.14
C THR A 114 -27.36 -0.57 16.38
N ILE A 115 -27.13 -0.82 15.09
CA ILE A 115 -26.39 0.11 14.25
C ILE A 115 -27.06 1.49 14.20
N PRO A 116 -28.33 1.62 13.79
CA PRO A 116 -28.98 2.92 13.85
C PRO A 116 -28.98 3.49 15.27
N LYS A 117 -29.16 2.65 16.29
CA LYS A 117 -29.26 3.21 17.62
C LYS A 117 -27.95 3.93 17.94
N LEU A 118 -26.84 3.31 17.58
CA LEU A 118 -25.52 3.80 17.95
C LEU A 118 -25.18 5.00 17.04
N PHE A 119 -25.37 4.88 15.73
CA PHE A 119 -24.62 5.71 14.80
C PHE A 119 -25.50 6.76 14.09
N ARG A 120 -26.84 6.69 14.19
CA ARG A 120 -27.74 7.44 13.31
C ARG A 120 -28.20 8.77 13.92
N GLY A 121 -27.95 9.87 13.26
CA GLY A 121 -28.39 11.16 13.75
C GLY A 121 -29.31 11.70 12.69
N LYS A 122 -29.94 12.85 12.97
CA LYS A 122 -30.87 13.38 11.99
C LYS A 122 -30.71 14.89 11.82
N MET A 123 -31.10 15.32 10.63
CA MET A 123 -30.65 16.56 10.02
C MET A 123 -31.78 17.03 9.13
N VAL A 124 -31.91 18.35 9.05
CA VAL A 124 -32.81 18.99 8.12
C VAL A 124 -31.98 19.81 7.17
N SER A 125 -32.30 19.68 5.90
CA SER A 125 -31.74 20.53 4.87
C SER A 125 -32.90 21.35 4.34
N TYR A 126 -32.68 22.67 4.16
CA TYR A 126 -33.77 23.59 3.90
C TYR A 126 -33.33 24.64 2.90
N ILE A 127 -34.28 25.08 2.07
CA ILE A 127 -34.06 26.23 1.20
C ILE A 127 -35.26 27.16 1.35
N GLN A 128 -34.97 28.43 1.55
CA GLN A 128 -35.97 29.44 1.77
C GLN A 128 -35.76 30.59 0.79
N CYS A 129 -36.82 30.92 0.05
CA CYS A 129 -36.84 32.11 -0.79
C CYS A 129 -36.93 33.33 0.10
N LYS A 130 -36.17 34.36 -0.26
CA LYS A 130 -36.17 35.59 0.52
C LYS A 130 -37.34 36.46 0.08
N GLU A 131 -37.35 36.77 -1.22
CA GLU A 131 -38.25 37.73 -1.84
C GLU A 131 -39.71 37.24 -1.91
N VAL A 132 -39.96 35.90 -1.89
CA VAL A 132 -41.28 35.30 -2.16
C VAL A 132 -41.52 34.16 -1.14
N ASP A 133 -42.78 33.71 -0.95
CA ASP A 133 -43.14 32.71 0.08
C ASP A 133 -42.99 31.26 -0.43
N TYR A 134 -41.77 30.74 -0.41
CA TYR A 134 -41.55 29.35 -0.75
C TYR A 134 -40.43 28.72 0.09
N ARG A 135 -40.73 27.53 0.63
CA ARG A 135 -39.81 26.84 1.51
C ARG A 135 -39.87 25.33 1.36
N SER A 136 -38.66 24.76 1.17
CA SER A 136 -38.41 23.34 1.07
C SER A 136 -37.68 22.90 2.33
N ASP A 137 -38.16 21.81 2.95
CA ASP A 137 -37.58 21.23 4.14
C ASP A 137 -37.55 19.72 3.94
N ARG A 138 -36.38 19.09 4.09
CA ARG A 138 -36.21 17.66 3.85
C ARG A 138 -35.31 17.10 4.95
N ARG A 139 -35.87 16.25 5.83
CA ARG A 139 -35.12 15.64 6.91
C ARG A 139 -34.19 14.62 6.29
N GLU A 140 -33.10 14.31 6.99
CA GLU A 140 -32.12 13.35 6.52
C GLU A 140 -31.61 12.54 7.70
N ASP A 141 -31.27 11.27 7.48
CA ASP A 141 -30.54 10.50 8.47
C ASP A 141 -29.04 10.63 8.18
N TYR A 142 -28.19 10.46 9.19
CA TYR A 142 -26.76 10.45 8.90
C TYR A 142 -26.04 9.54 9.88
N TYR A 143 -24.97 8.89 9.39
CA TYR A 143 -24.20 7.89 10.14
C TYR A 143 -22.77 8.37 10.39
N ASP A 144 -22.48 9.58 9.90
CA ASP A 144 -21.15 10.13 9.79
C ASP A 144 -21.24 11.53 9.24
N ILE A 145 -20.41 12.47 9.74
CA ILE A 145 -20.49 13.83 9.23
C ILE A 145 -19.14 14.24 8.62
N GLN A 146 -19.16 15.02 7.54
CA GLN A 146 -17.96 15.39 6.80
C GLN A 146 -17.68 16.88 6.99
N LEU A 147 -16.59 17.15 7.70
CA LEU A 147 -16.24 18.47 8.17
C LEU A 147 -15.12 19.03 7.28
N SER A 148 -15.36 20.31 6.90
CA SER A 148 -14.46 21.09 6.06
C SER A 148 -13.31 21.63 6.89
N ILE A 149 -12.08 21.67 6.32
CA ILE A 149 -10.89 21.89 7.12
C ILE A 149 -10.11 23.19 6.77
N LYS A 150 -9.91 23.48 5.47
CA LYS A 150 -9.32 24.70 4.97
C LYS A 150 -10.11 25.93 5.41
N GLY A 151 -9.34 26.91 5.91
CA GLY A 151 -9.85 28.15 6.47
C GLY A 151 -10.48 27.98 7.85
N LYS A 152 -10.35 26.76 8.39
CA LYS A 152 -10.89 26.46 9.70
C LYS A 152 -9.75 26.02 10.61
N LYS A 153 -9.70 26.63 11.80
CA LYS A 153 -8.59 26.44 12.73
C LYS A 153 -8.88 25.30 13.67
N ASN A 154 -10.17 25.07 13.94
CA ASN A 154 -10.59 24.10 14.92
C ASN A 154 -11.96 23.58 14.54
N ILE A 155 -12.41 22.56 15.24
CA ILE A 155 -13.64 21.82 14.96
C ILE A 155 -14.85 22.76 15.00
N PHE A 156 -14.83 23.73 15.93
CA PHE A 156 -15.97 24.60 16.14
C PHE A 156 -16.18 25.44 14.87
N GLU A 157 -15.13 26.03 14.34
CA GLU A 157 -15.28 26.71 13.06
C GLU A 157 -15.90 25.81 11.97
N SER A 158 -15.51 24.51 11.91
CA SER A 158 -16.08 23.54 10.98
C SER A 158 -17.57 23.39 11.18
N PHE A 159 -17.93 23.17 12.44
CA PHE A 159 -19.33 22.97 12.78
C PHE A 159 -20.09 24.24 12.45
N VAL A 160 -19.45 25.40 12.67
CA VAL A 160 -20.07 26.71 12.39
C VAL A 160 -20.30 26.93 10.89
N ASP A 161 -19.21 26.80 10.11
CA ASP A 161 -19.24 26.61 8.65
C ASP A 161 -20.32 25.58 8.24
N TYR A 162 -20.49 24.45 8.97
CA TYR A 162 -21.38 23.39 8.54
C TYR A 162 -22.82 23.87 8.60
N VAL A 163 -23.18 24.63 9.65
CA VAL A 163 -24.53 25.18 9.79
C VAL A 163 -24.66 26.56 9.13
N ALA A 164 -23.66 27.02 8.38
CA ALA A 164 -23.71 28.28 7.67
C ALA A 164 -24.84 28.40 6.66
N VAL A 165 -25.47 29.59 6.61
CA VAL A 165 -26.51 29.94 5.63
C VAL A 165 -25.88 30.34 4.31
N GLU A 166 -26.05 29.56 3.27
CA GLU A 166 -25.46 29.84 1.97
C GLU A 166 -26.47 30.69 1.20
N GLN A 167 -25.94 31.66 0.46
CA GLN A 167 -26.75 32.63 -0.25
C GLN A 167 -26.81 32.23 -1.72
N LEU A 168 -28.04 32.09 -2.25
CA LEU A 168 -28.25 31.76 -3.65
C LEU A 168 -28.67 33.03 -4.36
N ASP A 169 -27.65 33.76 -4.85
CA ASP A 169 -27.83 35.06 -5.48
C ASP A 169 -27.12 35.06 -6.82
N GLY A 170 -27.29 36.14 -7.57
CA GLY A 170 -26.57 36.30 -8.83
C GLY A 170 -26.91 35.19 -9.83
N ASP A 171 -25.85 34.70 -10.52
CA ASP A 171 -26.03 33.68 -11.56
C ASP A 171 -26.31 32.36 -10.89
N ASN A 172 -26.20 32.33 -9.56
CA ASN A 172 -26.24 31.16 -8.74
C ASN A 172 -27.59 31.19 -7.99
N LYS A 173 -28.63 31.82 -8.56
CA LYS A 173 -29.94 31.93 -7.91
C LYS A 173 -30.63 30.56 -7.92
N TYR A 174 -31.68 30.41 -7.10
CA TYR A 174 -32.38 29.14 -6.95
C TYR A 174 -33.58 29.09 -7.91
N ASP A 175 -33.82 27.92 -8.52
CA ASP A 175 -34.98 27.73 -9.40
C ASP A 175 -36.15 27.36 -8.50
N ALA A 176 -37.09 28.29 -8.30
CA ALA A 176 -38.18 28.07 -7.37
C ALA A 176 -39.48 27.62 -8.07
N GLY A 177 -39.35 26.91 -9.20
CA GLY A 177 -40.49 26.32 -9.89
C GLY A 177 -41.41 27.37 -10.50
N GLU A 178 -42.68 27.42 -10.05
CA GLU A 178 -43.63 28.48 -10.40
C GLU A 178 -43.05 29.89 -10.22
N HIS A 179 -42.22 30.14 -9.19
CA HIS A 179 -41.89 31.50 -8.79
C HIS A 179 -40.70 32.06 -9.54
N GLY A 180 -40.16 31.23 -10.45
CA GLY A 180 -39.00 31.60 -11.21
C GLY A 180 -37.71 31.46 -10.41
N LEU A 181 -36.66 32.11 -10.93
CA LEU A 181 -35.34 32.13 -10.31
C LEU A 181 -35.46 33.09 -9.12
N GLN A 182 -35.05 32.63 -7.94
CA GLN A 182 -35.30 33.38 -6.72
C GLN A 182 -34.01 33.56 -5.95
N GLU A 183 -33.95 34.67 -5.24
CA GLU A 183 -32.90 34.93 -4.30
C GLU A 183 -33.25 34.11 -3.07
N ALA A 184 -32.29 33.32 -2.57
CA ALA A 184 -32.62 32.34 -1.53
C ALA A 184 -31.47 32.06 -0.56
N GLU A 185 -31.86 31.51 0.61
CA GLU A 185 -30.96 31.11 1.68
C GLU A 185 -31.12 29.60 1.90
N LYS A 186 -30.00 28.85 1.83
CA LYS A 186 -30.04 27.42 2.06
C LYS A 186 -29.01 27.02 3.09
N GLY A 187 -29.36 26.04 3.95
CA GLY A 187 -28.50 25.68 5.05
C GLY A 187 -28.91 24.35 5.69
N VAL A 188 -28.33 24.05 6.85
CA VAL A 188 -28.48 22.73 7.44
C VAL A 188 -28.51 22.86 8.95
N LYS A 189 -29.30 22.01 9.59
CA LYS A 189 -29.46 22.09 11.03
C LYS A 189 -29.47 20.69 11.64
N PHE A 190 -28.73 20.52 12.72
CA PHE A 190 -28.74 19.28 13.48
C PHE A 190 -30.00 19.19 14.36
N LEU A 191 -30.89 18.22 14.05
CA LEU A 191 -32.04 17.91 14.88
C LEU A 191 -31.57 16.98 16.01
N THR A 192 -30.68 16.01 15.74
CA THR A 192 -30.11 15.24 16.83
C THR A 192 -28.68 14.86 16.48
N LEU A 193 -27.96 14.30 17.48
CA LEU A 193 -26.58 13.85 17.37
C LEU A 193 -26.43 12.43 17.93
N PRO A 194 -25.77 11.52 17.24
CA PRO A 194 -25.85 10.10 17.57
C PRO A 194 -25.06 9.79 18.81
N PRO A 195 -25.39 8.69 19.52
CA PRO A 195 -24.62 8.38 20.72
C PRO A 195 -23.13 8.28 20.34
N VAL A 196 -22.82 7.67 19.21
CA VAL A 196 -21.45 7.61 18.71
C VAL A 196 -21.34 8.49 17.45
N LEU A 197 -20.39 9.43 17.44
CA LEU A 197 -20.33 10.50 16.47
C LEU A 197 -19.10 10.28 15.62
N HIS A 198 -19.31 9.85 14.38
CA HIS A 198 -18.19 9.71 13.47
C HIS A 198 -17.97 10.96 12.62
N LEU A 199 -16.77 11.55 12.73
CA LEU A 199 -16.43 12.72 11.94
C LEU A 199 -15.23 12.45 11.03
N GLN A 200 -15.35 12.97 9.81
CA GLN A 200 -14.29 12.91 8.82
C GLN A 200 -13.83 14.34 8.60
N LEU A 201 -12.50 14.54 8.58
CA LEU A 201 -11.94 15.83 8.23
C LEU A 201 -11.55 15.86 6.75
N MET A 202 -12.10 16.82 5.99
CA MET A 202 -11.87 16.80 4.55
C MET A 202 -10.46 17.32 4.26
N ARG A 203 -9.48 16.42 4.35
CA ARG A 203 -8.08 16.74 4.12
C ARG A 203 -7.67 16.42 2.68
N PHE A 204 -8.47 15.62 1.98
CA PHE A 204 -8.23 15.23 0.59
C PHE A 204 -9.10 16.08 -0.36
N MET A 205 -8.48 16.90 -1.22
CA MET A 205 -9.20 17.79 -2.12
C MET A 205 -8.66 17.77 -3.57
N ASN A 213 -6.08 13.07 -5.88
CA ASN A 213 -6.36 14.32 -5.11
C ASN A 213 -5.13 14.68 -4.30
N ILE A 214 -5.23 15.80 -3.56
CA ILE A 214 -4.11 16.28 -2.77
C ILE A 214 -4.45 16.19 -1.28
N LYS A 215 -3.42 16.05 -0.45
CA LYS A 215 -3.60 15.99 1.00
C LYS A 215 -3.18 17.32 1.64
N ILE A 216 -4.13 18.07 2.15
CA ILE A 216 -3.84 19.27 2.94
C ILE A 216 -3.35 18.85 4.33
N ASN A 217 -2.15 19.31 4.77
CA ASN A 217 -1.59 19.01 6.09
C ASN A 217 -1.71 20.20 7.06
N ASP A 218 -2.71 21.07 6.89
CA ASP A 218 -2.87 22.30 7.63
C ASP A 218 -3.25 22.03 9.08
N ARG A 219 -3.16 23.07 9.87
CA ARG A 219 -3.39 22.97 11.27
C ARG A 219 -4.90 22.98 11.52
N PHE A 220 -5.33 22.00 12.33
CA PHE A 220 -6.72 21.86 12.73
C PHE A 220 -6.79 21.16 14.09
N GLU A 221 -7.39 21.83 15.08
CA GLU A 221 -7.46 21.35 16.46
C GLU A 221 -8.85 20.80 16.81
N PHE A 222 -8.89 19.80 17.66
CA PHE A 222 -10.11 19.18 18.10
C PHE A 222 -9.98 18.99 19.60
N PRO A 223 -11.07 19.17 20.35
CA PRO A 223 -11.03 19.03 21.81
C PRO A 223 -11.24 17.62 22.36
N GLU A 224 -10.54 17.28 23.44
CA GLU A 224 -10.87 16.18 24.33
C GLU A 224 -12.34 16.19 24.64
N GLN A 225 -12.88 17.37 24.89
CA GLN A 225 -14.26 17.47 25.26
C GLN A 225 -15.04 18.50 24.43
N LEU A 226 -16.13 17.99 23.81
CA LEU A 226 -16.75 18.62 22.68
C LEU A 226 -18.21 18.85 22.99
N PRO A 227 -18.53 20.11 23.37
CA PRO A 227 -19.92 20.50 23.64
C PRO A 227 -20.63 21.07 22.41
N LEU A 228 -21.75 20.47 22.00
CA LEU A 228 -22.32 20.83 20.73
C LEU A 228 -23.79 21.20 20.86
N ASP A 229 -24.27 21.47 22.08
CA ASP A 229 -25.60 22.04 22.27
C ASP A 229 -25.90 23.20 21.30
N GLU A 230 -24.97 24.10 20.99
CA GLU A 230 -25.32 25.30 20.23
C GLU A 230 -25.56 24.98 18.76
N PHE A 231 -25.36 23.70 18.38
CA PHE A 231 -25.58 23.30 17.01
C PHE A 231 -26.92 22.58 16.86
N LEU A 232 -27.50 22.15 18.00
CA LEU A 232 -28.84 21.56 17.98
C LEU A 232 -29.90 22.66 17.83
N GLN A 233 -30.99 22.41 17.09
CA GLN A 233 -32.11 23.34 17.03
C GLN A 233 -32.85 23.35 18.37
N LYS A 234 -32.86 22.20 19.06
CA LYS A 234 -33.51 22.14 20.36
C LYS A 234 -32.58 21.44 21.36
N THR A 235 -32.13 22.17 22.37
CA THR A 235 -31.24 21.68 23.40
C THR A 235 -32.05 20.95 24.47
N ASP A 236 -31.67 19.69 24.73
CA ASP A 236 -32.26 18.93 25.83
C ASP A 236 -31.47 19.26 27.09
N PRO A 237 -32.11 19.74 28.17
CA PRO A 237 -31.42 19.96 29.44
C PRO A 237 -31.06 18.67 30.13
N LYS A 238 -31.88 17.62 29.88
CA LYS A 238 -31.74 16.33 30.53
C LYS A 238 -30.60 15.53 29.88
N ASP A 239 -30.38 15.75 28.58
CA ASP A 239 -29.30 15.05 27.89
C ASP A 239 -28.53 16.05 27.05
N PRO A 240 -27.58 16.79 27.65
CA PRO A 240 -26.86 17.82 26.91
C PRO A 240 -25.86 17.13 25.98
N ALA A 241 -25.62 17.80 24.84
CA ALA A 241 -24.90 17.15 23.74
C ALA A 241 -23.38 17.25 23.91
N ASN A 242 -22.86 16.61 24.99
CA ASN A 242 -21.46 16.79 25.25
C ASN A 242 -20.72 15.55 24.82
N TYR A 243 -19.63 15.72 24.05
CA TYR A 243 -18.95 14.54 23.52
C TYR A 243 -17.55 14.33 24.11
N ILE A 244 -17.17 13.07 24.25
CA ILE A 244 -15.87 12.65 24.72
C ILE A 244 -15.11 12.04 23.54
N LEU A 245 -13.90 12.52 23.30
CA LEU A 245 -12.97 11.94 22.33
C LEU A 245 -12.64 10.47 22.60
N HIS A 246 -12.73 9.63 21.58
CA HIS A 246 -12.57 8.18 21.79
C HIS A 246 -11.48 7.54 20.91
N ALA A 247 -11.52 7.81 19.58
CA ALA A 247 -10.47 7.43 18.69
C ALA A 247 -10.04 8.63 17.81
N VAL A 248 -8.76 8.64 17.44
CA VAL A 248 -8.19 9.65 16.61
C VAL A 248 -7.45 8.93 15.51
N LEU A 249 -8.05 8.82 14.31
CA LEU A 249 -7.46 8.10 13.19
C LEU A 249 -6.44 8.99 12.45
N VAL A 250 -5.24 8.43 12.28
CA VAL A 250 -4.05 9.20 11.90
C VAL A 250 -3.50 8.68 10.58
N HIS A 251 -3.19 9.63 9.69
CA HIS A 251 -2.33 9.40 8.53
C HIS A 251 -1.08 10.30 8.52
N SER A 252 0.01 9.75 8.02
CA SER A 252 1.29 10.42 7.90
C SER A 252 1.76 10.25 6.46
N GLY A 253 1.99 11.38 5.76
CA GLY A 253 2.60 11.35 4.44
C GLY A 253 1.61 11.77 3.36
N ASP A 254 1.77 11.17 2.16
CA ASP A 254 0.88 11.39 1.02
C ASP A 254 1.27 10.51 -0.18
N ASN A 255 0.26 9.88 -0.79
CA ASN A 255 0.34 9.19 -2.07
C ASN A 255 1.46 8.14 -1.98
N GLY A 257 4.63 6.63 0.38
CA GLY A 257 4.17 7.81 1.19
C GLY A 257 3.40 7.43 2.45
N GLY A 258 2.08 7.10 2.38
CA GLY A 258 1.25 7.17 3.58
C GLY A 258 1.31 5.98 4.54
N HIS A 259 1.36 6.28 5.86
CA HIS A 259 1.12 5.31 6.93
C HIS A 259 -0.17 5.66 7.69
N TYR A 260 -0.82 4.65 8.30
CA TYR A 260 -2.04 4.79 9.09
C TYR A 260 -1.93 4.11 10.46
N VAL A 261 -2.43 4.84 11.46
CA VAL A 261 -2.46 4.36 12.82
C VAL A 261 -3.71 4.99 13.42
N VAL A 262 -4.13 4.48 14.58
CA VAL A 262 -5.22 5.10 15.30
C VAL A 262 -4.82 5.15 16.77
N TYR A 263 -5.34 6.22 17.39
CA TYR A 263 -5.21 6.43 18.82
C TYR A 263 -6.55 6.16 19.48
N LEU A 264 -6.52 5.36 20.55
CA LEU A 264 -7.74 5.04 21.32
C LEU A 264 -7.47 5.12 22.81
N ASN A 265 -8.50 5.53 23.54
CA ASN A 265 -8.68 5.28 24.94
C ASN A 265 -9.95 4.47 25.09
N PRO A 266 -9.90 3.14 24.88
CA PRO A 266 -11.09 2.29 24.70
C PRO A 266 -12.17 2.42 25.77
N LYS A 267 -11.71 2.69 27.00
CA LYS A 267 -12.59 2.78 28.16
C LYS A 267 -13.26 4.16 28.36
N GLY A 268 -12.89 5.20 27.60
CA GLY A 268 -13.51 6.50 27.67
C GLY A 268 -12.89 7.28 28.82
N ASP A 269 -11.80 6.70 29.40
CA ASP A 269 -11.20 7.13 30.66
C ASP A 269 -10.04 8.09 30.43
N GLY A 270 -9.49 8.13 29.22
CA GLY A 270 -8.37 9.02 28.90
C GLY A 270 -6.98 8.40 29.03
N LYS A 271 -6.90 7.09 29.31
CA LYS A 271 -5.66 6.33 29.16
C LYS A 271 -5.51 5.85 27.70
N TRP A 272 -4.66 6.52 26.93
CA TRP A 272 -4.57 6.30 25.50
C TRP A 272 -3.58 5.20 25.15
N CYS A 273 -3.86 4.52 24.01
CA CYS A 273 -2.89 3.69 23.30
C CYS A 273 -2.88 4.04 21.82
N LYS A 274 -1.69 3.94 21.24
CA LYS A 274 -1.49 3.95 19.81
C LYS A 274 -1.59 2.53 19.33
N PHE A 275 -2.40 2.37 18.26
CA PHE A 275 -2.55 1.07 17.64
C PHE A 275 -1.86 1.08 16.27
N ASP A 276 -0.60 0.54 16.25
CA ASP A 276 0.23 0.56 15.06
C ASP A 276 0.39 -0.84 14.48
N ASP A 277 -0.69 -1.33 13.86
CA ASP A 277 -0.80 -2.66 13.31
C ASP A 277 -0.44 -3.75 14.33
N ASP A 278 0.70 -4.39 14.15
CA ASP A 278 1.04 -5.59 14.89
C ASP A 278 1.45 -5.20 16.31
N VAL A 279 1.66 -3.91 16.58
CA VAL A 279 2.20 -3.48 17.87
C VAL A 279 1.25 -2.45 18.48
N VAL A 280 1.01 -2.57 19.78
CA VAL A 280 0.10 -1.67 20.48
C VAL A 280 0.83 -1.14 21.70
N SER A 281 0.68 0.15 21.98
CA SER A 281 1.54 0.84 22.91
C SER A 281 0.82 2.04 23.52
N ARG A 282 1.04 2.21 24.84
CA ARG A 282 0.44 3.28 25.61
C ARG A 282 1.12 4.54 25.14
N CYS A 283 0.38 5.63 25.25
CA CYS A 283 0.86 6.92 24.83
C CYS A 283 0.24 8.03 25.70
N THR A 284 0.74 9.23 25.51
CA THR A 284 0.24 10.39 26.20
C THR A 284 -1.00 10.90 25.49
N LYS A 285 -1.82 11.68 26.22
CA LYS A 285 -2.98 12.27 25.62
C LYS A 285 -2.48 13.15 24.48
N GLU A 286 -1.37 13.81 24.73
CA GLU A 286 -0.83 14.81 23.82
C GLU A 286 -0.44 14.14 22.51
N GLU A 287 0.12 12.95 22.61
CA GLU A 287 0.44 12.22 21.39
C GLU A 287 -0.85 11.93 20.58
N ALA A 288 -1.89 11.52 21.31
CA ALA A 288 -3.13 11.13 20.67
C ALA A 288 -3.94 12.34 20.16
N ILE A 289 -3.95 13.44 20.92
CA ILE A 289 -4.75 14.61 20.56
C ILE A 289 -3.92 15.62 19.81
N GLU A 290 -3.21 16.48 20.56
CA GLU A 290 -2.55 17.68 20.03
C GLU A 290 -1.49 17.32 18.99
N HIS A 291 -0.78 16.21 19.16
CA HIS A 291 0.22 15.78 18.18
C HIS A 291 -0.36 15.34 16.85
N ASN A 292 -1.70 15.39 16.68
CA ASN A 292 -2.33 15.00 15.43
C ASN A 292 -3.12 16.20 14.88
N TYR A 293 -2.71 17.41 15.29
CA TYR A 293 -3.38 18.62 14.82
C TYR A 293 -2.87 19.11 13.45
N GLY A 294 -1.63 18.76 13.08
CA GLY A 294 -1.05 19.16 11.79
C GLY A 294 -0.45 20.56 11.73
N CYS A 305 3.37 16.12 9.27
CA CYS A 305 2.85 15.06 8.35
C CYS A 305 1.90 14.06 9.03
N THR A 306 2.13 13.77 10.31
CA THR A 306 1.22 12.95 11.13
C THR A 306 0.02 13.79 11.60
N ASN A 307 -1.20 13.52 11.07
CA ASN A 307 -2.39 14.31 11.43
C ASN A 307 -3.64 13.44 11.32
N ALA A 308 -4.73 13.89 11.93
CA ALA A 308 -5.93 13.09 12.00
C ALA A 308 -6.73 13.30 10.73
N TYR A 309 -7.44 12.25 10.25
CA TYR A 309 -8.43 12.42 9.20
C TYR A 309 -9.83 11.97 9.64
N MET A 310 -9.92 11.28 10.78
CA MET A 310 -11.20 10.88 11.31
C MET A 310 -11.10 10.87 12.84
N LEU A 311 -12.22 11.30 13.47
CA LEU A 311 -12.34 11.44 14.92
C LEU A 311 -13.56 10.63 15.34
N VAL A 312 -13.48 9.91 16.48
CA VAL A 312 -14.66 9.31 17.04
C VAL A 312 -14.88 9.83 18.45
N TYR A 313 -16.14 10.22 18.65
CA TYR A 313 -16.59 10.91 19.85
C TYR A 313 -17.72 10.10 20.46
N ILE A 314 -17.73 9.91 21.79
CA ILE A 314 -18.91 9.32 22.40
C ILE A 314 -19.57 10.34 23.34
N ARG A 315 -20.90 10.54 23.13
CA ARG A 315 -21.74 11.30 24.03
C ARG A 315 -21.59 10.90 25.53
N GLU A 316 -21.56 11.95 26.38
CA GLU A 316 -21.22 11.73 27.77
C GLU A 316 -22.26 10.85 28.47
N SER A 317 -23.55 11.17 28.25
CA SER A 317 -24.64 10.36 28.77
C SER A 317 -24.61 8.89 28.35
N LYS A 318 -23.94 8.52 27.25
CA LYS A 318 -24.05 7.17 26.71
C LYS A 318 -22.72 6.45 26.78
N LEU A 319 -21.68 7.14 27.31
CA LEU A 319 -20.36 6.56 27.46
C LEU A 319 -20.41 5.16 28.07
N SER A 320 -21.15 4.96 29.15
CA SER A 320 -21.06 3.70 29.91
C SER A 320 -21.81 2.53 29.25
N GLU A 321 -22.85 2.82 28.44
CA GLU A 321 -23.50 1.73 27.77
C GLU A 321 -22.67 1.29 26.55
N VAL A 322 -22.17 2.25 25.79
CA VAL A 322 -21.40 1.96 24.61
C VAL A 322 -20.11 1.19 24.91
N LEU A 323 -19.43 1.52 26.03
CA LEU A 323 -18.15 0.95 26.39
C LEU A 323 -18.29 -0.09 27.49
N GLN A 324 -19.50 -0.67 27.63
CA GLN A 324 -19.79 -1.80 28.50
C GLN A 324 -18.81 -2.93 28.33
N ALA A 325 -18.60 -3.64 29.46
CA ALA A 325 -17.61 -4.68 29.53
C ALA A 325 -18.00 -5.87 28.67
N VAL A 326 -16.98 -6.55 28.10
CA VAL A 326 -17.20 -7.66 27.19
C VAL A 326 -16.40 -8.83 27.67
N THR A 327 -17.08 -9.89 28.10
CA THR A 327 -16.44 -11.07 28.67
C THR A 327 -16.40 -12.12 27.57
N ASP A 328 -15.67 -13.20 27.81
CA ASP A 328 -15.63 -14.31 26.87
C ASP A 328 -16.98 -14.99 26.78
N HIS A 329 -17.82 -14.84 27.82
CA HIS A 329 -19.09 -15.54 27.91
C HIS A 329 -20.13 -14.85 27.06
N ASP A 330 -19.82 -13.61 26.65
CA ASP A 330 -20.70 -12.79 25.78
C ASP A 330 -20.73 -13.29 24.33
N ILE A 331 -19.79 -14.19 24.02
CA ILE A 331 -19.76 -14.88 22.75
C ILE A 331 -20.47 -16.22 22.93
N PRO A 332 -21.54 -16.54 22.15
CA PRO A 332 -22.19 -17.85 22.21
C PRO A 332 -21.29 -18.99 21.81
N GLN A 333 -21.39 -20.13 22.51
CA GLN A 333 -20.38 -21.16 22.34
C GLN A 333 -20.54 -21.87 21.00
N GLN A 334 -21.72 -21.80 20.41
CA GLN A 334 -21.89 -22.24 19.04
C GLN A 334 -20.89 -21.53 18.13
N LEU A 335 -20.70 -20.24 18.37
CA LEU A 335 -19.82 -19.47 17.52
C LEU A 335 -18.38 -19.90 17.80
N VAL A 336 -18.03 -19.88 19.10
CA VAL A 336 -16.68 -20.27 19.50
C VAL A 336 -16.34 -21.63 18.91
N GLU A 337 -17.27 -22.58 18.92
CA GLU A 337 -16.98 -23.90 18.36
C GLU A 337 -16.72 -23.79 16.87
N ARG A 338 -17.57 -23.04 16.20
CA ARG A 338 -17.37 -22.91 14.77
C ARG A 338 -15.97 -22.36 14.52
N LEU A 339 -15.67 -21.25 15.19
CA LEU A 339 -14.44 -20.53 14.94
C LEU A 339 -13.26 -21.39 15.34
N GLN A 340 -13.39 -22.09 16.46
CA GLN A 340 -12.28 -22.88 16.93
C GLN A 340 -12.00 -23.92 15.85
N GLU A 341 -13.08 -24.51 15.29
CA GLU A 341 -12.94 -25.57 14.31
C GLU A 341 -12.15 -25.06 13.12
N GLU A 342 -12.57 -23.88 12.67
CA GLU A 342 -11.91 -23.19 11.59
C GLU A 342 -10.42 -23.06 11.90
N LYS A 343 -10.08 -22.57 13.10
CA LYS A 343 -8.71 -22.35 13.50
C LYS A 343 -7.93 -23.65 13.43
N ARG A 344 -8.62 -24.76 13.69
CA ARG A 344 -8.01 -26.07 13.73
C ARG A 344 -7.43 -26.37 12.35
N ILE A 345 -8.33 -26.45 11.35
CA ILE A 345 -7.92 -26.83 10.01
C ILE A 345 -6.77 -25.91 9.60
N GLU A 346 -7.12 -24.62 9.46
CA GLU A 346 -6.22 -23.58 9.02
C GLU A 346 -4.83 -23.81 9.60
N ALA A 347 -4.77 -24.27 10.86
CA ALA A 347 -3.48 -24.47 11.51
C ALA A 347 -2.66 -25.62 10.91
N GLN A 348 -2.99 -26.10 9.69
CA GLN A 348 -2.10 -27.03 8.99
C GLN A 348 -0.85 -26.31 8.43
N LYS A 349 0.13 -26.02 9.29
CA LYS A 349 1.26 -25.16 8.93
C LYS A 349 2.33 -25.83 8.04
N HIS B 5 13.30 19.30 -14.20
CA HIS B 5 14.75 19.66 -14.23
C HIS B 5 15.68 18.48 -14.56
N THR B 6 15.13 17.25 -14.72
CA THR B 6 15.95 16.06 -14.93
C THR B 6 16.00 15.68 -16.40
N GLY B 7 14.89 15.96 -17.10
CA GLY B 7 14.67 15.44 -18.44
C GLY B 7 14.04 14.05 -18.43
N TYR B 8 13.79 13.48 -17.25
CA TYR B 8 13.19 12.17 -17.16
C TYR B 8 11.75 12.34 -16.68
N VAL B 9 10.89 11.41 -17.06
CA VAL B 9 9.51 11.43 -16.56
C VAL B 9 9.28 10.20 -15.68
N GLY B 10 8.19 10.25 -14.94
CA GLY B 10 7.93 9.27 -13.89
C GLY B 10 6.80 8.32 -14.30
N LEU B 11 6.45 7.43 -13.38
CA LEU B 11 5.32 6.55 -13.60
C LEU B 11 4.28 6.88 -12.56
N LYS B 12 3.00 6.85 -12.98
CA LYS B 12 1.91 7.24 -12.08
C LYS B 12 1.67 6.18 -11.00
N ASN B 13 1.56 6.60 -9.72
CA ASN B 13 1.03 5.74 -8.65
C ASN B 13 -0.39 5.39 -9.06
N GLN B 14 -0.60 4.10 -9.31
CA GLN B 14 -1.89 3.61 -9.79
C GLN B 14 -2.33 2.46 -8.87
N GLY B 15 -1.77 2.44 -7.65
CA GLY B 15 -2.14 1.40 -6.71
C GLY B 15 -0.96 0.69 -6.10
N ALA B 16 -1.27 -0.40 -5.43
CA ALA B 16 -0.28 -1.08 -4.62
C ALA B 16 0.53 -2.02 -5.52
N THR B 17 1.22 -1.41 -6.50
CA THR B 17 2.02 -2.13 -7.51
C THR B 17 3.40 -2.45 -6.96
N CYS B 18 3.64 -2.02 -5.73
CA CYS B 18 4.85 -2.35 -5.00
C CYS B 18 6.09 -1.90 -5.78
N TYR B 19 6.97 -2.86 -6.07
CA TYR B 19 8.31 -2.65 -6.60
C TYR B 19 8.29 -2.49 -8.12
N MET B 20 7.07 -2.47 -8.72
CA MET B 20 6.94 -2.33 -10.18
C MET B 20 7.41 -0.98 -10.75
N ASN B 21 6.98 0.13 -10.19
CA ASN B 21 7.49 1.33 -10.80
C ASN B 21 9.05 1.31 -10.79
N SER B 22 9.63 1.05 -9.63
CA SER B 22 11.09 1.10 -9.49
C SER B 22 11.79 0.18 -10.52
N LEU B 23 11.15 -0.95 -10.87
CA LEU B 23 11.73 -1.93 -11.80
C LEU B 23 11.62 -1.36 -13.20
N LEU B 24 10.43 -0.86 -13.53
CA LEU B 24 10.23 -0.34 -14.87
C LEU B 24 11.29 0.72 -15.23
N GLN B 25 11.64 1.62 -14.31
CA GLN B 25 12.62 2.62 -14.64
C GLN B 25 13.96 1.93 -14.82
N THR B 26 14.26 0.95 -13.93
CA THR B 26 15.54 0.23 -13.99
C THR B 26 15.73 -0.37 -15.38
N LEU B 27 14.69 -0.99 -15.89
CA LEU B 27 14.80 -1.64 -17.16
C LEU B 27 14.82 -0.58 -18.27
N PHE B 28 13.96 0.43 -18.16
CA PHE B 28 13.99 1.55 -19.10
C PHE B 28 15.41 2.09 -19.27
N PHE B 29 16.12 2.43 -18.18
CA PHE B 29 17.46 2.99 -18.31
C PHE B 29 18.57 1.92 -18.47
N THR B 30 18.25 0.67 -18.68
CA THR B 30 19.15 -0.31 -19.27
C THR B 30 19.05 -0.23 -20.78
N ASN B 31 19.65 0.79 -21.38
CA ASN B 31 19.18 1.25 -22.70
C ASN B 31 19.33 0.19 -23.78
N GLN B 32 20.39 -0.60 -23.71
CA GLN B 32 20.53 -1.61 -24.74
C GLN B 32 19.39 -2.63 -24.63
N LEU B 33 18.82 -2.82 -23.43
CA LEU B 33 17.57 -3.56 -23.28
C LEU B 33 16.45 -2.84 -24.01
N ARG B 34 16.34 -1.56 -23.70
CA ARG B 34 15.32 -0.72 -24.28
C ARG B 34 15.32 -0.90 -25.79
N LYS B 35 16.51 -0.82 -26.42
CA LYS B 35 16.60 -0.70 -27.87
C LYS B 35 16.08 -1.97 -28.51
N ALA B 36 16.45 -3.12 -27.91
CA ALA B 36 16.02 -4.42 -28.43
C ALA B 36 14.48 -4.57 -28.30
N VAL B 37 13.93 -4.19 -27.13
CA VAL B 37 12.51 -4.25 -26.84
C VAL B 37 11.75 -3.47 -27.91
N TYR B 38 12.23 -2.26 -28.24
CA TYR B 38 11.61 -1.49 -29.30
C TYR B 38 11.65 -2.22 -30.66
N MET B 39 12.55 -3.24 -30.77
CA MET B 39 12.84 -3.91 -32.03
C MET B 39 11.95 -5.13 -32.18
N MET B 40 11.06 -5.42 -31.22
CA MET B 40 10.26 -6.64 -31.29
C MET B 40 9.11 -6.47 -32.28
N PRO B 41 8.90 -7.45 -33.18
CA PRO B 41 7.77 -7.42 -34.13
C PRO B 41 6.38 -7.60 -33.51
N THR B 42 5.79 -6.49 -33.04
CA THR B 42 4.53 -6.55 -32.28
C THR B 42 3.30 -6.09 -33.07
N GLU B 43 3.50 -5.91 -34.39
CA GLU B 43 2.52 -5.31 -35.29
C GLU B 43 1.15 -5.99 -35.16
N GLY B 44 1.14 -7.30 -34.88
CA GLY B 44 -0.10 -8.04 -34.86
C GLY B 44 -0.44 -8.60 -33.49
N ASP B 45 0.17 -8.07 -32.42
CA ASP B 45 -0.14 -8.54 -31.08
C ASP B 45 -1.38 -7.80 -30.52
N ASP B 46 -2.18 -8.46 -29.66
CA ASP B 46 -3.28 -7.84 -28.92
C ASP B 46 -2.76 -6.65 -28.08
N SER B 47 -3.56 -5.59 -28.04
CA SER B 47 -3.19 -4.32 -27.44
C SER B 47 -3.27 -4.32 -25.92
N SER B 48 -3.54 -5.47 -25.28
CA SER B 48 -3.72 -5.50 -23.83
C SER B 48 -3.55 -6.91 -23.28
N LYS B 49 -3.27 -7.86 -24.15
CA LYS B 49 -2.91 -9.18 -23.71
C LYS B 49 -1.44 -9.54 -24.00
N SER B 50 -0.73 -8.66 -24.72
CA SER B 50 0.66 -8.91 -25.06
C SER B 50 1.57 -8.11 -24.12
N VAL B 51 2.34 -8.83 -23.28
CA VAL B 51 3.29 -8.18 -22.42
C VAL B 51 4.33 -7.45 -23.26
N PRO B 52 5.00 -8.07 -24.27
CA PRO B 52 5.89 -7.32 -25.15
C PRO B 52 5.39 -5.98 -25.71
N LEU B 53 4.15 -5.90 -26.23
CA LEU B 53 3.57 -4.65 -26.76
C LEU B 53 3.45 -3.60 -25.64
N ALA B 54 3.29 -4.05 -24.39
CA ALA B 54 3.02 -3.24 -23.23
C ALA B 54 4.30 -2.62 -22.67
N LEU B 55 5.40 -3.36 -22.70
CA LEU B 55 6.67 -2.79 -22.33
C LEU B 55 7.07 -1.77 -23.38
N GLN B 56 6.83 -2.07 -24.63
CA GLN B 56 7.12 -1.12 -25.68
C GLN B 56 6.33 0.17 -25.41
N ARG B 57 5.08 0.05 -24.98
CA ARG B 57 4.25 1.20 -24.66
C ARG B 57 4.83 2.00 -23.49
N VAL B 58 5.08 1.34 -22.35
CA VAL B 58 5.63 2.00 -21.17
C VAL B 58 6.94 2.70 -21.51
N PHE B 59 7.88 1.95 -22.10
CA PHE B 59 9.17 2.44 -22.58
C PHE B 59 9.06 3.64 -23.50
N TYR B 60 8.13 3.56 -24.47
CA TYR B 60 7.88 4.65 -25.41
C TYR B 60 7.42 5.87 -24.65
N GLU B 61 6.45 5.68 -23.78
CA GLU B 61 5.90 6.74 -22.95
C GLU B 61 6.99 7.39 -22.09
N LEU B 62 7.85 6.56 -21.51
CA LEU B 62 8.86 7.07 -20.59
C LEU B 62 9.89 7.92 -21.34
N GLN B 63 9.98 7.70 -22.65
CA GLN B 63 10.94 8.36 -23.53
C GLN B 63 10.35 9.60 -24.19
N HIS B 64 9.03 9.73 -24.22
CA HIS B 64 8.41 10.83 -24.94
C HIS B 64 7.50 11.66 -24.03
N SER B 65 6.80 11.00 -23.08
CA SER B 65 5.72 11.64 -22.35
C SER B 65 6.19 12.84 -21.53
N ASP B 66 5.38 13.91 -21.69
CA ASP B 66 5.52 15.19 -21.03
C ASP B 66 4.90 15.09 -19.62
N LYS B 67 4.03 14.09 -19.37
CA LYS B 67 3.38 13.91 -18.08
C LYS B 67 3.64 12.47 -17.59
N PRO B 68 3.38 12.14 -16.29
CA PRO B 68 3.68 10.80 -15.78
C PRO B 68 3.00 9.74 -16.64
N VAL B 69 3.58 8.56 -16.67
CA VAL B 69 3.14 7.48 -17.52
C VAL B 69 2.33 6.48 -16.71
N GLY B 70 1.30 5.91 -17.34
CA GLY B 70 0.41 4.96 -16.72
C GLY B 70 0.78 3.55 -17.12
N THR B 71 0.45 2.58 -16.24
CA THR B 71 0.92 1.21 -16.37
C THR B 71 -0.28 0.24 -16.42
N LYS B 72 -1.51 0.79 -16.52
CA LYS B 72 -2.73 0.03 -16.30
C LYS B 72 -2.81 -1.15 -17.27
N LYS B 73 -2.37 -0.90 -18.50
CA LYS B 73 -2.48 -1.90 -19.54
C LYS B 73 -1.43 -3.00 -19.32
N LEU B 74 -0.34 -2.61 -18.71
CA LEU B 74 0.80 -3.49 -18.56
C LEU B 74 0.45 -4.52 -17.50
N THR B 75 -0.02 -4.06 -16.32
CA THR B 75 -0.55 -4.94 -15.27
C THR B 75 -1.60 -5.88 -15.85
N LYS B 76 -2.43 -5.31 -16.76
CA LYS B 76 -3.52 -6.07 -17.34
C LYS B 76 -2.94 -7.12 -18.25
N SER B 77 -1.87 -6.80 -19.01
CA SER B 77 -1.33 -7.77 -19.95
C SER B 77 -0.72 -9.00 -19.26
N PHE B 78 -0.08 -8.90 -18.07
CA PHE B 78 0.50 -10.11 -17.48
C PHE B 78 -0.27 -10.56 -16.24
N GLY B 79 -1.45 -10.02 -15.99
CA GLY B 79 -2.41 -10.66 -15.10
C GLY B 79 -2.23 -10.49 -13.59
N TRP B 80 -1.31 -9.65 -13.10
CA TRP B 80 -1.21 -9.25 -11.70
C TRP B 80 -2.14 -8.04 -11.45
N GLU B 81 -3.38 -8.30 -11.03
CA GLU B 81 -4.37 -7.25 -10.91
C GLU B 81 -5.08 -7.33 -9.54
N THR B 82 -4.75 -8.33 -8.72
CA THR B 82 -5.27 -8.39 -7.36
C THR B 82 -4.25 -7.67 -6.47
N LEU B 83 -4.70 -7.26 -5.28
CA LEU B 83 -3.83 -6.63 -4.32
C LEU B 83 -2.63 -7.49 -3.95
N ASP B 84 -2.91 -8.69 -3.45
CA ASP B 84 -1.87 -9.55 -2.92
C ASP B 84 -0.99 -10.08 -4.03
N SER B 85 -1.23 -9.72 -5.29
CA SER B 85 -0.42 -10.26 -6.37
C SER B 85 1.06 -9.87 -6.23
N PHE B 86 1.35 -8.57 -6.09
CA PHE B 86 2.72 -8.12 -5.95
C PHE B 86 3.21 -8.37 -4.52
N MET B 87 2.34 -8.11 -3.53
CA MET B 87 2.68 -8.36 -2.15
C MET B 87 3.18 -9.79 -2.03
N GLN B 88 2.66 -10.76 -2.81
CA GLN B 88 3.00 -12.17 -2.64
C GLN B 88 4.21 -12.60 -3.45
N HIS B 89 4.78 -11.72 -4.30
CA HIS B 89 5.90 -12.05 -5.17
C HIS B 89 7.19 -11.30 -4.81
N ASP B 90 8.36 -11.91 -5.11
CA ASP B 90 9.66 -11.23 -5.08
C ASP B 90 9.86 -10.39 -6.34
N VAL B 91 10.78 -9.40 -6.26
CA VAL B 91 11.02 -8.45 -7.33
C VAL B 91 11.63 -9.17 -8.51
N GLN B 92 12.57 -10.12 -8.23
CA GLN B 92 13.18 -10.89 -9.31
C GLN B 92 12.13 -11.65 -10.09
N GLU B 93 11.01 -12.01 -9.47
CA GLU B 93 10.04 -12.83 -10.15
C GLU B 93 9.25 -12.00 -11.17
N LEU B 94 8.92 -10.77 -10.83
CA LEU B 94 8.33 -9.87 -11.81
C LEU B 94 9.28 -9.65 -12.99
N CYS B 95 10.55 -9.45 -12.68
CA CYS B 95 11.57 -9.17 -13.68
C CYS B 95 11.59 -10.34 -14.66
N ARG B 96 11.55 -11.57 -14.14
CA ARG B 96 11.65 -12.74 -15.01
C ARG B 96 10.42 -12.81 -15.89
N VAL B 97 9.25 -12.53 -15.32
CA VAL B 97 8.02 -12.41 -16.10
C VAL B 97 8.21 -11.42 -17.27
N LEU B 98 8.88 -10.31 -17.05
CA LEU B 98 8.99 -9.31 -18.10
C LEU B 98 10.14 -9.66 -19.04
N LEU B 99 11.32 -10.03 -18.54
CA LEU B 99 12.45 -10.40 -19.38
C LEU B 99 12.14 -11.70 -20.13
N ASP B 100 11.46 -12.65 -19.51
CA ASP B 100 11.21 -13.94 -20.18
C ASP B 100 10.18 -13.82 -21.30
N ASN B 101 9.28 -12.80 -21.19
CA ASN B 101 8.33 -12.52 -22.25
C ASN B 101 9.04 -11.95 -23.44
N VAL B 102 10.05 -11.09 -23.20
CA VAL B 102 10.68 -10.32 -24.27
C VAL B 102 11.66 -11.19 -25.00
N GLU B 103 12.44 -12.01 -24.29
CA GLU B 103 13.36 -12.95 -24.94
C GLU B 103 12.59 -13.77 -25.95
N ASN B 104 11.39 -14.21 -25.60
CA ASN B 104 10.55 -15.07 -26.44
C ASN B 104 10.08 -14.34 -27.68
N LYS B 105 9.68 -13.07 -27.54
CA LYS B 105 9.24 -12.28 -28.68
C LYS B 105 10.43 -12.01 -29.61
N MET B 106 11.61 -11.84 -29.04
CA MET B 106 12.80 -11.54 -29.82
C MET B 106 13.38 -12.77 -30.50
N LYS B 107 12.94 -13.97 -30.10
CA LYS B 107 13.48 -15.18 -30.67
C LYS B 107 13.09 -15.22 -32.13
N GLY B 108 14.08 -15.44 -33.00
CA GLY B 108 13.86 -15.46 -34.44
C GLY B 108 13.91 -14.06 -35.08
N THR B 109 14.42 -13.06 -34.32
CA THR B 109 14.75 -11.73 -34.83
C THR B 109 16.25 -11.49 -34.76
N CYS B 110 16.67 -10.35 -35.34
CA CYS B 110 18.04 -9.88 -35.36
C CYS B 110 18.50 -9.45 -33.98
N VAL B 111 17.56 -9.29 -33.05
CA VAL B 111 17.88 -8.86 -31.69
C VAL B 111 17.55 -9.95 -30.66
N GLU B 112 17.28 -11.18 -31.13
CA GLU B 112 17.23 -12.38 -30.33
C GLU B 112 18.54 -12.50 -29.60
N GLY B 113 18.46 -12.73 -28.28
CA GLY B 113 19.63 -13.14 -27.49
C GLY B 113 20.02 -12.08 -26.46
N THR B 114 19.40 -10.87 -26.56
CA THR B 114 19.77 -9.73 -25.73
C THR B 114 19.66 -10.03 -24.21
N ILE B 115 18.50 -10.55 -23.77
CA ILE B 115 18.28 -10.77 -22.36
C ILE B 115 19.43 -11.62 -21.83
N PRO B 116 19.80 -12.73 -22.47
CA PRO B 116 20.96 -13.49 -22.00
C PRO B 116 22.28 -12.76 -22.14
N LYS B 117 22.50 -12.03 -23.25
CA LYS B 117 23.77 -11.35 -23.40
C LYS B 117 23.95 -10.37 -22.23
N LEU B 118 22.85 -9.75 -21.78
CA LEU B 118 22.92 -8.71 -20.77
C LEU B 118 22.88 -9.27 -19.35
N PHE B 119 22.00 -10.24 -19.07
CA PHE B 119 21.72 -10.58 -17.66
C PHE B 119 22.17 -12.01 -17.22
N ARG B 120 22.67 -12.87 -18.12
CA ARG B 120 22.91 -14.27 -17.84
C ARG B 120 24.39 -14.53 -17.51
N GLY B 121 24.60 -15.15 -16.36
CA GLY B 121 25.92 -15.56 -15.93
C GLY B 121 25.95 -17.06 -15.69
N LYS B 122 27.15 -17.54 -15.36
CA LYS B 122 27.41 -18.96 -15.23
C LYS B 122 28.09 -19.24 -13.89
N MET B 123 27.66 -20.34 -13.27
CA MET B 123 28.00 -20.69 -11.89
C MET B 123 28.19 -22.21 -11.83
N VAL B 124 29.23 -22.65 -11.16
CA VAL B 124 29.41 -24.08 -10.93
C VAL B 124 29.21 -24.39 -9.45
N SER B 125 28.28 -25.31 -9.17
CA SER B 125 28.20 -25.99 -7.89
C SER B 125 29.03 -27.27 -7.96
N TYR B 126 29.77 -27.54 -6.89
CA TYR B 126 30.68 -28.65 -6.84
C TYR B 126 30.58 -29.34 -5.50
N ILE B 127 31.04 -30.60 -5.47
CA ILE B 127 31.11 -31.38 -4.24
C ILE B 127 32.43 -32.15 -4.32
N GLN B 128 33.20 -32.20 -3.20
CA GLN B 128 34.44 -32.99 -3.16
C GLN B 128 34.85 -33.30 -1.70
N ARG B 135 34.72 -36.49 -6.98
CA ARG B 135 34.52 -35.08 -7.41
C ARG B 135 33.29 -35.02 -8.33
N SER B 136 32.50 -33.95 -8.15
CA SER B 136 31.27 -33.72 -8.87
C SER B 136 31.09 -32.23 -9.11
N ASP B 137 30.89 -31.82 -10.36
CA ASP B 137 30.71 -30.43 -10.77
C ASP B 137 29.43 -30.32 -11.62
N ARG B 138 28.55 -29.38 -11.25
CA ARG B 138 27.32 -29.11 -11.99
C ARG B 138 27.22 -27.63 -12.32
N ARG B 139 27.33 -27.29 -13.61
CA ARG B 139 27.30 -25.91 -14.10
C ARG B 139 25.85 -25.44 -14.19
N GLU B 140 25.61 -24.18 -13.86
CA GLU B 140 24.26 -23.65 -13.70
C GLU B 140 24.27 -22.20 -14.19
N ASP B 141 23.14 -21.77 -14.78
CA ASP B 141 23.00 -20.39 -15.21
C ASP B 141 22.21 -19.63 -14.15
N TYR B 142 22.42 -18.30 -14.10
CA TYR B 142 21.67 -17.42 -13.22
C TYR B 142 21.45 -16.07 -13.91
N TYR B 143 20.35 -15.39 -13.55
CA TYR B 143 19.95 -14.12 -14.15
C TYR B 143 19.92 -13.00 -13.14
N ASP B 144 20.23 -13.39 -11.89
CA ASP B 144 20.02 -12.57 -10.72
C ASP B 144 20.57 -13.34 -9.54
N ILE B 145 21.08 -12.62 -8.57
CA ILE B 145 21.73 -13.23 -7.44
C ILE B 145 21.05 -12.75 -6.16
N GLN B 146 20.91 -13.69 -5.18
CA GLN B 146 20.18 -13.48 -3.93
C GLN B 146 21.14 -13.54 -2.74
N LEU B 147 21.40 -12.34 -2.19
CA LEU B 147 22.49 -12.10 -1.30
C LEU B 147 21.99 -12.02 0.13
N SER B 148 22.65 -12.86 0.96
CA SER B 148 22.45 -12.96 2.40
C SER B 148 22.99 -11.70 3.05
N ILE B 149 22.17 -11.00 3.88
CA ILE B 149 22.61 -9.79 4.58
C ILE B 149 22.59 -9.96 6.10
N LYS B 150 21.66 -10.76 6.65
CA LYS B 150 21.73 -11.20 8.05
C LYS B 150 23.11 -11.74 8.41
N GLY B 151 23.85 -10.97 9.24
CA GLY B 151 25.19 -11.29 9.69
C GLY B 151 26.28 -10.65 8.81
N LYS B 152 25.90 -9.89 7.78
CA LYS B 152 26.90 -9.33 6.87
C LYS B 152 26.93 -7.82 7.01
N LYS B 153 28.15 -7.25 7.00
CA LYS B 153 28.33 -5.83 7.09
C LYS B 153 28.16 -5.19 5.72
N ASN B 154 28.55 -5.95 4.67
CA ASN B 154 28.68 -5.37 3.35
C ASN B 154 28.62 -6.45 2.30
N ILE B 155 28.62 -6.01 1.03
CA ILE B 155 28.49 -6.89 -0.14
C ILE B 155 29.62 -7.94 -0.18
N PHE B 156 30.82 -7.52 0.29
CA PHE B 156 31.98 -8.38 0.26
C PHE B 156 31.70 -9.63 1.11
N GLU B 157 31.30 -9.37 2.36
CA GLU B 157 30.94 -10.47 3.24
C GLU B 157 29.75 -11.27 2.71
N SER B 158 28.78 -10.64 2.00
CA SER B 158 27.69 -11.36 1.34
C SER B 158 28.25 -12.28 0.27
N PHE B 159 29.23 -11.81 -0.49
CA PHE B 159 29.80 -12.59 -1.57
C PHE B 159 30.68 -13.73 -1.06
N VAL B 160 31.53 -13.46 -0.03
CA VAL B 160 32.36 -14.53 0.58
C VAL B 160 31.46 -15.64 1.19
N ASP B 161 30.37 -15.25 1.93
CA ASP B 161 29.31 -16.15 2.29
C ASP B 161 28.82 -17.00 1.10
N TYR B 162 28.54 -16.36 -0.05
CA TYR B 162 27.92 -17.03 -1.17
C TYR B 162 28.87 -18.10 -1.71
N VAL B 163 30.20 -17.81 -1.73
CA VAL B 163 31.18 -18.81 -2.19
C VAL B 163 31.81 -19.57 -1.02
N ALA B 164 31.13 -19.57 0.12
CA ALA B 164 31.58 -20.35 1.27
C ALA B 164 31.59 -21.82 0.91
N VAL B 165 32.60 -22.54 1.43
CA VAL B 165 32.61 -23.99 1.37
C VAL B 165 31.75 -24.47 2.53
N GLU B 166 30.56 -25.00 2.20
CA GLU B 166 29.67 -25.60 3.17
C GLU B 166 30.14 -27.04 3.42
N GLN B 167 30.31 -27.38 4.71
CA GLN B 167 30.86 -28.69 5.09
C GLN B 167 29.67 -29.60 5.38
N LEU B 168 29.79 -30.88 4.98
CA LEU B 168 28.76 -31.86 5.32
C LEU B 168 29.40 -33.19 5.78
N ASP B 169 29.16 -33.52 7.05
CA ASP B 169 29.71 -34.70 7.70
C ASP B 169 28.71 -35.17 8.76
N GLY B 170 28.63 -36.48 9.00
CA GLY B 170 27.64 -37.04 9.89
C GLY B 170 26.22 -36.85 9.34
N ASP B 171 25.20 -36.84 10.20
CA ASP B 171 23.80 -36.68 9.79
C ASP B 171 23.75 -36.19 8.34
N ASN B 172 24.24 -34.95 8.13
CA ASN B 172 24.32 -34.40 6.78
C ASN B 172 25.72 -34.66 6.26
N LYS B 173 25.80 -35.41 5.15
CA LYS B 173 27.06 -35.77 4.50
C LYS B 173 26.81 -35.83 2.98
N TYR B 174 27.58 -36.64 2.24
CA TYR B 174 27.60 -36.61 0.78
C TYR B 174 27.08 -37.92 0.19
N ASP B 175 25.99 -37.81 -0.59
CA ASP B 175 25.46 -38.90 -1.42
C ASP B 175 26.57 -39.80 -1.96
N ALA B 176 27.63 -39.18 -2.50
CA ALA B 176 28.90 -39.76 -2.93
C ALA B 176 28.77 -40.97 -3.85
N GLY B 177 27.53 -41.32 -4.27
CA GLY B 177 27.21 -42.32 -5.29
C GLY B 177 28.27 -43.42 -5.46
N GLU B 178 29.34 -43.07 -6.18
CA GLU B 178 30.38 -44.01 -6.57
C GLU B 178 31.04 -44.66 -5.35
N HIS B 179 31.19 -43.88 -4.27
CA HIS B 179 31.82 -44.36 -3.05
C HIS B 179 30.85 -44.26 -1.88
N GLY B 180 29.71 -44.96 -2.00
CA GLY B 180 28.79 -45.23 -0.91
C GLY B 180 27.97 -44.02 -0.48
N LEU B 181 28.52 -43.33 0.52
CA LEU B 181 27.93 -42.22 1.26
C LEU B 181 29.12 -41.66 2.04
N GLN B 182 29.30 -40.35 2.15
CA GLN B 182 30.56 -39.82 2.65
C GLN B 182 30.37 -38.44 3.26
N GLU B 183 31.41 -37.95 3.94
CA GLU B 183 31.45 -36.61 4.46
C GLU B 183 32.29 -35.79 3.47
N ALA B 184 31.83 -34.58 3.12
CA ALA B 184 32.47 -33.83 2.04
C ALA B 184 32.17 -32.33 2.12
N GLU B 185 32.79 -31.57 1.19
CA GLU B 185 32.67 -30.11 1.11
C GLU B 185 32.02 -29.69 -0.22
N LYS B 186 31.01 -28.82 -0.09
CA LYS B 186 30.11 -28.47 -1.19
C LYS B 186 30.05 -26.95 -1.29
N GLY B 187 30.16 -26.43 -2.51
CA GLY B 187 30.31 -25.02 -2.68
C GLY B 187 29.65 -24.51 -3.94
N VAL B 188 29.75 -23.19 -4.11
CA VAL B 188 29.50 -22.55 -5.38
C VAL B 188 30.71 -21.67 -5.68
N LYS B 189 31.05 -21.59 -6.97
CA LYS B 189 31.97 -20.59 -7.43
C LYS B 189 31.42 -19.99 -8.71
N PHE B 190 31.83 -18.74 -8.97
CA PHE B 190 31.35 -18.03 -10.15
C PHE B 190 32.29 -18.34 -11.31
N LEU B 191 31.68 -18.62 -12.46
CA LEU B 191 32.42 -18.85 -13.70
C LEU B 191 32.46 -17.53 -14.45
N THR B 192 31.29 -16.90 -14.65
CA THR B 192 31.21 -15.64 -15.35
C THR B 192 30.29 -14.67 -14.61
N LEU B 193 30.45 -13.38 -14.91
CA LEU B 193 29.60 -12.33 -14.36
C LEU B 193 28.95 -11.48 -15.45
N PRO B 194 27.63 -11.22 -15.43
CA PRO B 194 26.97 -10.69 -16.61
C PRO B 194 27.26 -9.22 -16.74
N PRO B 195 26.96 -8.59 -17.90
CA PRO B 195 27.30 -7.20 -18.04
C PRO B 195 26.45 -6.47 -17.03
N VAL B 196 25.24 -6.95 -16.82
CA VAL B 196 24.34 -6.26 -15.90
C VAL B 196 24.12 -7.22 -14.73
N LEU B 197 24.57 -6.79 -13.54
CA LEU B 197 24.47 -7.61 -12.34
C LEU B 197 23.24 -7.21 -11.52
N HIS B 198 22.20 -8.04 -11.56
CA HIS B 198 21.06 -7.86 -10.64
C HIS B 198 21.26 -8.54 -9.27
N LEU B 199 21.46 -7.70 -8.22
CA LEU B 199 21.52 -8.19 -6.84
C LEU B 199 20.26 -7.82 -6.04
N GLN B 200 19.53 -8.82 -5.58
CA GLN B 200 18.52 -8.66 -4.56
C GLN B 200 19.09 -9.13 -3.20
N LEU B 201 18.88 -8.34 -2.12
CA LEU B 201 19.41 -8.58 -0.79
C LEU B 201 18.33 -9.23 0.09
N MET B 202 18.66 -10.34 0.75
CA MET B 202 17.60 -11.10 1.38
C MET B 202 17.20 -10.45 2.70
N ARG B 203 16.35 -9.47 2.62
CA ARG B 203 15.90 -8.75 3.79
C ARG B 203 14.62 -9.38 4.40
N PHE B 204 14.05 -10.40 3.74
CA PHE B 204 12.74 -10.86 4.15
C PHE B 204 12.82 -12.33 4.56
N MET B 205 12.12 -12.70 5.63
CA MET B 205 11.70 -14.09 5.78
C MET B 205 10.30 -14.23 6.37
N ASN B 213 5.88 -12.90 7.74
CA ASN B 213 7.11 -12.40 7.05
C ASN B 213 7.50 -11.00 7.54
N ILE B 214 8.75 -10.89 8.00
CA ILE B 214 9.25 -9.64 8.54
C ILE B 214 10.39 -9.13 7.67
N LYS B 215 10.56 -7.83 7.60
CA LYS B 215 11.73 -7.24 7.00
C LYS B 215 12.77 -6.97 8.09
N ILE B 216 13.97 -7.45 7.84
CA ILE B 216 15.14 -7.13 8.63
C ILE B 216 15.66 -5.78 8.16
N ASN B 217 15.84 -4.80 9.05
CA ASN B 217 16.22 -3.43 8.64
C ASN B 217 17.72 -3.12 8.86
N ASP B 218 18.54 -4.16 9.15
CA ASP B 218 19.89 -3.98 9.68
C ASP B 218 20.84 -3.34 8.68
N ARG B 219 21.96 -2.87 9.23
CA ARG B 219 22.99 -2.24 8.43
C ARG B 219 23.58 -3.27 7.47
N PHE B 220 23.60 -2.85 6.21
CA PHE B 220 24.29 -3.54 5.14
C PHE B 220 24.81 -2.50 4.13
N GLU B 221 26.10 -2.48 3.89
CA GLU B 221 26.74 -1.47 3.06
C GLU B 221 27.06 -2.05 1.68
N PHE B 222 27.15 -1.14 0.71
CA PHE B 222 27.42 -1.50 -0.66
C PHE B 222 28.16 -0.34 -1.33
N PRO B 223 29.22 -0.65 -2.12
CA PRO B 223 30.06 0.38 -2.72
C PRO B 223 29.63 0.83 -4.10
N GLU B 224 29.82 2.11 -4.38
CA GLU B 224 29.72 2.64 -5.74
C GLU B 224 30.51 1.77 -6.69
N GLN B 225 31.69 1.30 -6.23
CA GLN B 225 32.55 0.53 -7.10
C GLN B 225 32.79 -0.83 -6.47
N LEU B 226 32.46 -1.87 -7.23
CA LEU B 226 32.41 -3.23 -6.71
C LEU B 226 33.37 -4.10 -7.50
N PRO B 227 34.59 -4.33 -6.98
CA PRO B 227 35.52 -5.25 -7.64
C PRO B 227 35.25 -6.69 -7.23
N LEU B 228 34.81 -7.49 -8.17
CA LEU B 228 34.40 -8.85 -7.88
C LEU B 228 35.28 -9.93 -8.56
N ASP B 229 36.54 -9.62 -8.88
CA ASP B 229 37.44 -10.64 -9.42
C ASP B 229 37.58 -11.86 -8.51
N GLU B 230 37.66 -11.68 -7.18
CA GLU B 230 37.97 -12.74 -6.23
C GLU B 230 36.97 -13.91 -6.28
N PHE B 231 35.77 -13.68 -6.81
CA PHE B 231 34.69 -14.65 -6.70
C PHE B 231 34.53 -15.46 -7.99
N LEU B 232 35.30 -15.10 -9.01
CA LEU B 232 35.50 -15.90 -10.22
C LEU B 232 36.44 -17.10 -9.94
N GLN B 233 36.32 -18.13 -10.78
CA GLN B 233 37.24 -19.25 -10.72
C GLN B 233 38.57 -18.91 -11.40
N LYS B 234 38.53 -18.06 -12.44
CA LYS B 234 39.68 -17.54 -13.13
C LYS B 234 39.37 -16.10 -13.56
N THR B 235 40.34 -15.18 -13.56
CA THR B 235 40.12 -13.80 -14.03
C THR B 235 40.81 -13.54 -15.38
N ASP B 236 40.22 -12.63 -16.19
CA ASP B 236 40.81 -12.07 -17.39
C ASP B 236 41.58 -10.78 -17.04
N PRO B 237 42.91 -10.70 -17.31
CA PRO B 237 43.67 -9.47 -17.09
C PRO B 237 43.25 -8.33 -17.97
N LYS B 238 42.72 -8.68 -19.15
CA LYS B 238 42.19 -7.69 -20.10
C LYS B 238 40.78 -7.24 -19.70
N ASP B 239 39.99 -8.15 -19.11
CA ASP B 239 38.66 -7.79 -18.63
C ASP B 239 38.43 -8.12 -17.15
N PRO B 240 38.89 -7.27 -16.21
CA PRO B 240 38.66 -7.53 -14.80
C PRO B 240 37.18 -7.29 -14.46
N ALA B 241 36.68 -8.06 -13.48
CA ALA B 241 35.28 -8.04 -13.10
C ALA B 241 34.96 -6.88 -12.13
N ASN B 242 35.09 -5.63 -12.61
CA ASN B 242 34.74 -4.51 -11.75
C ASN B 242 33.36 -4.03 -12.12
N TYR B 243 32.52 -3.74 -11.12
CA TYR B 243 31.16 -3.26 -11.36
C TYR B 243 30.90 -1.81 -10.85
N ILE B 244 30.11 -1.04 -11.59
CA ILE B 244 29.69 0.33 -11.29
C ILE B 244 28.21 0.32 -10.96
N LEU B 245 27.88 0.79 -9.75
CA LEU B 245 26.50 0.89 -9.29
C LEU B 245 25.65 1.80 -10.18
N HIS B 246 24.49 1.31 -10.60
CA HIS B 246 23.64 2.05 -11.55
C HIS B 246 22.26 2.38 -10.98
N ALA B 247 21.72 1.46 -10.16
CA ALA B 247 20.44 1.66 -9.50
C ALA B 247 20.43 0.98 -8.10
N VAL B 248 19.83 1.75 -7.18
CA VAL B 248 19.55 1.32 -5.83
C VAL B 248 18.02 1.26 -5.56
N LEU B 249 17.42 0.04 -5.55
CA LEU B 249 15.99 -0.12 -5.37
C LEU B 249 15.60 -0.12 -3.88
N VAL B 250 14.67 0.80 -3.55
CA VAL B 250 14.46 1.25 -2.18
C VAL B 250 13.07 0.86 -1.65
N HIS B 251 13.04 0.32 -0.40
CA HIS B 251 11.82 0.07 0.35
C HIS B 251 11.81 0.66 1.79
N SER B 252 10.64 1.19 2.17
CA SER B 252 10.42 1.85 3.46
C SER B 252 9.68 0.92 4.39
N GLY B 253 8.38 0.67 4.13
CA GLY B 253 7.54 -0.08 5.07
C GLY B 253 6.33 0.77 5.51
N ASP B 254 5.12 0.38 5.07
CA ASP B 254 3.96 1.24 5.20
C ASP B 254 2.71 0.37 5.25
N ASN B 255 1.58 1.03 5.47
CA ASN B 255 0.25 0.44 5.51
C ASN B 255 -0.43 0.55 4.16
N HIS B 256 0.11 1.37 3.24
CA HIS B 256 -0.52 1.56 1.94
C HIS B 256 0.23 0.74 0.91
N GLY B 257 0.75 -0.41 1.35
CA GLY B 257 1.57 -1.25 0.50
C GLY B 257 2.83 -0.55 -0.04
N GLY B 258 3.78 -0.16 0.85
CA GLY B 258 5.15 -0.05 0.39
C GLY B 258 5.94 1.25 0.68
N HIS B 259 5.74 2.31 -0.10
CA HIS B 259 6.78 3.33 -0.27
C HIS B 259 8.00 2.68 -0.96
N TYR B 260 7.83 2.53 -2.29
CA TYR B 260 8.95 2.09 -3.13
C TYR B 260 9.50 3.25 -3.97
N VAL B 261 10.79 3.56 -3.76
CA VAL B 261 11.56 4.47 -4.61
C VAL B 261 12.73 3.70 -5.24
N VAL B 262 13.28 4.20 -6.34
CA VAL B 262 14.57 3.74 -6.84
C VAL B 262 15.46 4.95 -7.14
N TYR B 263 16.73 4.79 -6.76
CA TYR B 263 17.76 5.75 -7.10
C TYR B 263 18.47 5.29 -8.36
N LEU B 264 18.76 6.22 -9.28
CA LEU B 264 19.41 5.91 -10.56
C LEU B 264 20.37 7.02 -10.95
N ASN B 265 21.50 6.62 -11.55
CA ASN B 265 22.31 7.54 -12.33
C ASN B 265 22.30 7.01 -13.75
N PRO B 266 21.23 7.33 -14.53
CA PRO B 266 20.94 6.65 -15.79
C PRO B 266 22.11 6.56 -16.75
N LYS B 267 22.88 7.66 -16.79
CA LYS B 267 23.98 7.80 -17.72
C LYS B 267 25.20 7.01 -17.24
N GLY B 268 25.29 6.66 -15.97
CA GLY B 268 26.40 5.85 -15.47
C GLY B 268 27.56 6.76 -15.07
N ASP B 269 27.23 8.06 -15.12
CA ASP B 269 28.12 9.20 -15.01
C ASP B 269 28.20 9.69 -13.56
N GLY B 270 27.50 9.02 -12.64
CA GLY B 270 27.60 9.36 -11.22
C GLY B 270 26.57 10.39 -10.77
N LYS B 271 25.78 10.95 -11.71
CA LYS B 271 24.82 12.00 -11.39
C LYS B 271 23.43 11.40 -11.15
N TRP B 272 23.13 11.14 -9.88
CA TRP B 272 21.96 10.41 -9.46
C TRP B 272 20.64 11.19 -9.51
N CYS B 273 19.53 10.45 -9.72
CA CYS B 273 18.16 10.94 -9.54
C CYS B 273 17.29 9.94 -8.77
N LYS B 274 16.46 10.48 -7.87
CA LYS B 274 15.50 9.71 -7.10
C LYS B 274 14.20 9.59 -7.86
N PHE B 275 13.69 8.36 -7.99
CA PHE B 275 12.48 8.21 -8.78
C PHE B 275 11.32 7.79 -7.88
N ASP B 276 10.47 8.84 -7.59
CA ASP B 276 9.34 8.72 -6.68
C ASP B 276 8.04 8.87 -7.46
N ASP B 277 7.56 7.78 -8.03
CA ASP B 277 6.38 7.74 -8.87
C ASP B 277 6.46 8.78 -9.95
N ASP B 278 5.57 9.76 -9.84
CA ASP B 278 5.32 10.77 -10.88
C ASP B 278 6.39 11.86 -10.80
N VAL B 279 7.06 11.94 -9.66
CA VAL B 279 8.04 12.96 -9.41
C VAL B 279 9.45 12.34 -9.51
N VAL B 280 10.25 12.99 -10.33
CA VAL B 280 11.65 12.69 -10.50
C VAL B 280 12.46 13.92 -10.11
N SER B 281 13.55 13.72 -9.37
CA SER B 281 14.40 14.80 -8.90
C SER B 281 15.83 14.30 -8.68
N ARG B 282 16.80 15.22 -8.87
CA ARG B 282 18.19 14.95 -8.62
C ARG B 282 18.40 14.67 -7.15
N CYS B 283 19.47 13.95 -6.83
CA CYS B 283 19.86 13.83 -5.44
C CYS B 283 21.37 13.61 -5.29
N THR B 284 21.83 13.79 -4.06
CA THR B 284 23.21 13.56 -3.71
C THR B 284 23.55 12.07 -3.81
N LYS B 285 24.76 11.76 -4.28
CA LYS B 285 25.27 10.40 -4.29
C LYS B 285 25.02 9.79 -2.90
N GLU B 286 25.17 10.62 -1.86
CA GLU B 286 25.14 10.21 -0.47
C GLU B 286 23.74 9.72 -0.11
N GLU B 287 22.71 10.41 -0.67
CA GLU B 287 21.31 10.07 -0.43
C GLU B 287 20.97 8.74 -1.11
N ALA B 288 21.60 8.53 -2.28
CA ALA B 288 21.35 7.35 -3.07
C ALA B 288 22.12 6.13 -2.52
N ILE B 289 23.34 6.30 -1.97
CA ILE B 289 24.13 5.14 -1.51
C ILE B 289 23.97 4.93 -0.01
N GLU B 290 24.77 5.64 0.82
CA GLU B 290 24.85 5.46 2.28
C GLU B 290 23.51 5.55 2.99
N HIS B 291 22.66 6.48 2.54
CA HIS B 291 21.31 6.62 3.10
C HIS B 291 20.36 5.46 2.76
N ASN B 292 20.93 4.34 2.28
CA ASN B 292 20.19 3.15 1.91
C ASN B 292 20.91 1.91 2.49
N TYR B 293 21.73 2.17 3.50
CA TYR B 293 22.41 1.10 4.20
C TYR B 293 21.50 0.45 5.26
N GLY B 294 20.56 1.24 5.85
CA GLY B 294 19.47 0.67 6.66
C GLY B 294 19.65 0.59 8.18
N CYS B 305 11.85 4.31 7.00
CA CYS B 305 13.02 4.97 6.39
C CYS B 305 13.75 3.98 5.47
N THR B 306 14.25 4.51 4.34
CA THR B 306 14.50 3.75 3.12
C THR B 306 15.76 2.88 3.22
N ASN B 307 15.66 1.58 2.94
CA ASN B 307 16.87 0.83 2.60
C ASN B 307 16.71 -0.05 1.37
N ALA B 308 17.88 -0.52 0.88
CA ALA B 308 17.95 -1.16 -0.42
C ALA B 308 17.50 -2.61 -0.32
N TYR B 309 16.76 -3.14 -1.33
CA TYR B 309 16.48 -4.59 -1.42
C TYR B 309 17.01 -5.18 -2.74
N MET B 310 17.16 -4.27 -3.75
CA MET B 310 17.80 -4.62 -4.99
C MET B 310 18.80 -3.56 -5.46
N LEU B 311 19.93 -4.07 -6.02
CA LEU B 311 21.06 -3.25 -6.47
C LEU B 311 21.37 -3.67 -7.89
N VAL B 312 21.55 -2.64 -8.78
CA VAL B 312 21.89 -2.93 -10.14
C VAL B 312 23.21 -2.27 -10.51
N TYR B 313 24.06 -3.08 -11.07
CA TYR B 313 25.48 -2.84 -11.23
C TYR B 313 25.83 -3.01 -12.71
N ILE B 314 26.66 -2.15 -13.30
CA ILE B 314 27.08 -2.36 -14.68
C ILE B 314 28.60 -2.49 -14.75
N ARG B 315 29.08 -3.60 -15.34
CA ARG B 315 30.51 -3.85 -15.57
C ARG B 315 31.18 -2.71 -16.34
N GLU B 316 32.41 -2.33 -15.92
CA GLU B 316 33.02 -1.10 -16.41
C GLU B 316 33.25 -1.11 -17.93
N SER B 317 33.65 -2.32 -18.40
CA SER B 317 33.90 -2.59 -19.78
C SER B 317 32.65 -2.55 -20.66
N LYS B 318 31.46 -2.68 -20.09
CA LYS B 318 30.24 -2.65 -20.87
C LYS B 318 29.42 -1.39 -20.62
N LEU B 319 29.80 -0.57 -19.65
CA LEU B 319 28.99 0.53 -19.21
C LEU B 319 28.43 1.31 -20.38
N SER B 320 29.24 1.60 -21.40
CA SER B 320 28.84 2.61 -22.39
C SER B 320 28.00 1.96 -23.47
N GLU B 321 28.15 0.60 -23.60
CA GLU B 321 27.38 -0.14 -24.58
C GLU B 321 25.95 -0.32 -24.04
N VAL B 322 25.84 -0.80 -22.80
CA VAL B 322 24.58 -1.05 -22.18
C VAL B 322 23.77 0.26 -22.15
N LEU B 323 24.47 1.37 -21.94
CA LEU B 323 23.88 2.67 -21.74
C LEU B 323 23.96 3.49 -23.03
N GLN B 324 24.15 2.82 -24.19
CA GLN B 324 24.10 3.47 -25.52
C GLN B 324 22.85 4.30 -25.66
N ALA B 325 23.00 5.50 -26.23
CA ALA B 325 21.91 6.45 -26.32
C ALA B 325 20.81 5.90 -27.23
N VAL B 326 19.60 6.41 -27.03
CA VAL B 326 18.44 6.06 -27.84
C VAL B 326 17.81 7.32 -28.42
N THR B 327 17.88 7.46 -29.74
CA THR B 327 17.17 8.54 -30.45
C THR B 327 15.75 8.04 -30.70
N ASP B 328 14.78 8.94 -30.76
CA ASP B 328 13.40 8.56 -30.97
C ASP B 328 13.26 7.75 -32.26
N HIS B 329 14.19 8.00 -33.19
CA HIS B 329 14.17 7.43 -34.53
C HIS B 329 14.79 6.03 -34.47
N ASP B 330 15.22 5.55 -33.29
CA ASP B 330 15.59 4.14 -33.07
C ASP B 330 14.36 3.25 -33.02
N ILE B 331 13.25 3.77 -32.55
CA ILE B 331 11.94 3.13 -32.59
C ILE B 331 11.39 3.01 -34.03
N PRO B 332 11.16 1.78 -34.56
CA PRO B 332 10.58 1.60 -35.89
C PRO B 332 9.22 2.29 -36.10
N GLN B 333 8.98 2.77 -37.33
CA GLN B 333 7.86 3.65 -37.59
C GLN B 333 6.51 2.99 -37.30
N GLN B 334 6.46 1.69 -37.61
CA GLN B 334 5.27 0.88 -37.37
C GLN B 334 4.86 1.02 -35.89
N LEU B 335 5.83 0.93 -34.99
CA LEU B 335 5.50 0.98 -33.57
C LEU B 335 5.00 2.39 -33.24
N VAL B 336 5.76 3.38 -33.69
CA VAL B 336 5.38 4.73 -33.42
C VAL B 336 3.91 4.86 -33.75
N GLU B 337 3.59 4.64 -35.02
CA GLU B 337 2.24 4.82 -35.52
C GLU B 337 1.25 4.11 -34.62
N ARG B 338 1.58 2.88 -34.29
CA ARG B 338 0.64 2.03 -33.59
C ARG B 338 0.36 2.65 -32.23
N LEU B 339 1.46 2.99 -31.56
CA LEU B 339 1.40 3.55 -30.21
C LEU B 339 0.71 4.89 -30.26
N GLN B 340 1.10 5.68 -31.25
CA GLN B 340 0.48 6.97 -31.49
C GLN B 340 -1.03 6.75 -31.65
N GLU B 341 -1.45 5.74 -32.44
CA GLU B 341 -2.86 5.46 -32.66
C GLU B 341 -3.53 5.23 -31.31
N GLU B 342 -2.87 4.44 -30.45
CA GLU B 342 -3.39 4.21 -29.12
C GLU B 342 -3.63 5.53 -28.39
N LYS B 343 -2.65 6.46 -28.44
CA LYS B 343 -2.76 7.75 -27.78
C LYS B 343 -4.01 8.50 -28.25
N ARG B 344 -4.35 8.29 -29.53
CA ARG B 344 -5.55 8.87 -30.11
C ARG B 344 -6.76 8.16 -29.52
N ILE B 345 -6.73 6.82 -29.56
CA ILE B 345 -7.86 6.02 -29.14
C ILE B 345 -8.16 6.36 -27.69
N GLU B 346 -7.09 6.42 -26.87
CA GLU B 346 -7.17 6.68 -25.44
C GLU B 346 -7.63 8.13 -25.21
N ALA B 347 -7.11 9.08 -25.99
CA ALA B 347 -7.49 10.47 -25.82
C ALA B 347 -8.97 10.75 -26.17
N GLN B 348 -9.66 9.78 -26.79
CA GLN B 348 -11.05 9.94 -27.23
C GLN B 348 -12.06 10.01 -26.06
N LYS B 349 -11.69 9.67 -24.81
CA LYS B 349 -12.72 9.17 -23.89
C LYS B 349 -13.55 10.27 -23.20
#